data_8ENR
#
_entry.id   8ENR
#
_cell.length_a   1.00
_cell.length_b   1.00
_cell.length_c   1.00
_cell.angle_alpha   90.00
_cell.angle_beta   90.00
_cell.angle_gamma   90.00
#
_symmetry.space_group_name_H-M   'P 1'
#
_entity_poly.entity_id   1
_entity_poly.type   'polypeptide(L)'
_entity_poly.pdbx_seq_one_letter_code
;MGVVPQYGGGGNHGGGGNNSGPNSELNIYQYGGGNSALALQTDCRNSDLTITQHGGGNGADVGQGSDDSSIDLTQRGFGN
SATLDQWNGKNSEMTVKQFGGGNGAAVDQTASNSSVNVTQCGFGNNATAHQYHHHHHH
;
_entity_poly.pdbx_strand_id   A,B,C,D,E,F,G,H
#
# COMPACT_ATOMS: atom_id res chain seq x y z
N PRO A 22 30.89 -0.35 -67.22
CA PRO A 22 32.27 -0.52 -67.64
C PRO A 22 33.13 -1.27 -66.62
N ASN A 23 33.50 -2.51 -66.95
CA ASN A 23 34.25 -3.36 -66.02
C ASN A 23 35.72 -2.98 -66.06
N SER A 24 36.11 -2.07 -65.15
CA SER A 24 37.48 -1.56 -65.06
C SER A 24 38.04 -1.92 -63.70
N GLU A 25 39.22 -2.54 -63.67
CA GLU A 25 39.82 -3.04 -62.45
C GLU A 25 41.19 -2.42 -62.22
N LEU A 26 41.48 -2.08 -60.96
CA LEU A 26 42.80 -1.62 -60.57
C LEU A 26 43.33 -2.61 -59.53
N ASN A 27 44.48 -3.20 -59.82
CA ASN A 27 45.05 -4.23 -58.96
C ASN A 27 46.45 -3.81 -58.52
N ILE A 28 46.71 -3.89 -57.22
CA ILE A 28 48.05 -3.64 -56.69
C ILE A 28 48.36 -4.74 -55.68
N TYR A 29 49.52 -5.36 -55.82
CA TYR A 29 49.99 -6.43 -54.95
C TYR A 29 51.42 -6.11 -54.53
N GLN A 30 51.67 -6.14 -53.22
CA GLN A 30 53.00 -5.94 -52.66
C GLN A 30 53.42 -7.20 -51.90
N TYR A 31 54.68 -7.60 -52.09
CA TYR A 31 55.29 -8.67 -51.31
C TYR A 31 56.68 -8.22 -50.88
N GLY A 32 56.94 -8.23 -49.58
CA GLY A 32 58.20 -7.73 -49.07
C GLY A 32 58.04 -6.48 -48.24
N GLY A 33 59.03 -5.59 -48.26
CA GLY A 33 58.96 -4.41 -47.45
C GLY A 33 59.59 -3.20 -48.11
N GLY A 34 59.01 -2.02 -47.88
CA GLY A 34 59.54 -0.80 -48.45
C GLY A 34 59.16 -0.52 -49.88
N ASN A 35 58.30 -1.34 -50.48
CA ASN A 35 57.79 -1.05 -51.81
C ASN A 35 56.67 -0.04 -51.74
N SER A 36 56.64 0.86 -52.74
CA SER A 36 55.66 1.92 -52.82
C SER A 36 55.09 1.94 -54.24
N ALA A 37 53.77 2.07 -54.33
CA ALA A 37 53.09 2.10 -55.63
C ALA A 37 51.98 3.13 -55.58
N LEU A 38 51.97 4.01 -56.58
CA LEU A 38 50.89 4.95 -56.80
C LEU A 38 50.21 4.58 -58.10
N ALA A 39 48.89 4.44 -58.08
CA ALA A 39 48.13 4.11 -59.29
C ALA A 39 46.96 5.06 -59.43
N LEU A 40 46.81 5.63 -60.63
CA LEU A 40 45.70 6.52 -60.97
C LEU A 40 45.13 6.12 -62.32
N GLN A 41 43.83 5.80 -62.38
CA GLN A 41 43.17 5.45 -63.62
C GLN A 41 41.82 6.14 -63.70
N THR A 42 41.65 7.01 -64.72
CA THR A 42 40.45 7.83 -64.88
C THR A 42 39.94 7.79 -66.31
N ASP A 43 38.62 7.89 -66.45
CA ASP A 43 37.94 7.87 -67.75
C ASP A 43 38.27 6.60 -68.53
N CYS A 44 38.74 5.57 -67.83
CA CYS A 44 39.36 4.40 -68.44
C CYS A 44 38.38 3.25 -68.30
N ARG A 45 37.56 3.05 -69.32
CA ARG A 45 36.47 2.09 -69.26
C ARG A 45 36.92 0.71 -69.70
N ASN A 46 36.42 -0.31 -69.00
CA ASN A 46 36.63 -1.72 -69.36
C ASN A 46 38.13 -2.00 -69.53
N SER A 47 38.90 -1.63 -68.51
CA SER A 47 40.36 -1.74 -68.57
C SER A 47 40.90 -2.23 -67.23
N ASP A 48 42.11 -2.77 -67.26
CA ASP A 48 42.73 -3.33 -66.07
C ASP A 48 44.01 -2.60 -65.74
N LEU A 49 44.21 -2.34 -64.44
CA LEU A 49 45.45 -1.80 -63.90
C LEU A 49 45.98 -2.82 -62.91
N THR A 50 47.13 -3.41 -63.19
CA THR A 50 47.72 -4.42 -62.32
C THR A 50 49.15 -4.06 -61.98
N ILE A 51 49.47 -4.03 -60.68
CA ILE A 51 50.82 -3.78 -60.20
C ILE A 51 51.18 -4.91 -59.24
N THR A 52 52.33 -5.54 -59.47
CA THR A 52 52.84 -6.58 -58.58
C THR A 52 54.29 -6.26 -58.27
N GLN A 53 54.59 -6.09 -56.98
CA GLN A 53 55.95 -5.78 -56.54
C GLN A 53 56.44 -6.90 -55.63
N HIS A 54 57.58 -7.49 -55.98
CA HIS A 54 58.24 -8.51 -55.16
C HIS A 54 59.62 -8.00 -54.75
N GLY A 55 59.90 -8.06 -53.45
CA GLY A 55 61.18 -7.63 -52.93
C GLY A 55 61.11 -6.43 -52.02
N GLY A 56 61.98 -5.45 -52.26
CA GLY A 56 62.00 -4.27 -51.41
C GLY A 56 62.42 -2.99 -52.12
N GLY A 57 61.83 -1.87 -51.72
CA GLY A 57 62.26 -0.58 -52.21
C GLY A 57 61.88 -0.27 -53.64
N ASN A 58 60.99 -1.06 -54.25
CA ASN A 58 60.56 -0.79 -55.61
C ASN A 58 59.49 0.31 -55.61
N GLY A 59 59.60 1.22 -56.55
CA GLY A 59 58.69 2.35 -56.66
C GLY A 59 57.96 2.33 -57.99
N ALA A 60 56.68 2.64 -57.94
CA ALA A 60 55.82 2.58 -59.13
C ALA A 60 54.89 3.77 -59.16
N ASP A 61 54.74 4.35 -60.36
CA ASP A 61 53.77 5.41 -60.64
C ASP A 61 53.13 5.08 -61.98
N VAL A 62 51.84 4.78 -61.97
CA VAL A 62 51.15 4.27 -63.16
C VAL A 62 49.89 5.08 -63.39
N GLY A 63 49.78 5.68 -64.56
CA GLY A 63 48.58 6.39 -64.98
C GLY A 63 47.96 5.72 -66.21
N GLN A 64 46.66 5.43 -66.10
CA GLN A 64 45.94 4.75 -67.18
C GLN A 64 44.66 5.50 -67.50
N GLY A 65 44.56 6.01 -68.72
CA GLY A 65 43.37 6.70 -69.18
C GLY A 65 42.92 6.24 -70.55
N SER A 66 43.06 4.94 -70.84
CA SER A 66 42.87 4.45 -72.20
C SER A 66 41.77 3.39 -72.23
N ASP A 67 40.91 3.47 -73.25
CA ASP A 67 39.74 2.60 -73.28
C ASP A 67 40.12 1.20 -73.76
N ASP A 68 39.48 0.20 -73.15
CA ASP A 68 39.72 -1.22 -73.46
C ASP A 68 41.21 -1.52 -73.51
N SER A 69 41.92 -1.12 -72.46
CA SER A 69 43.38 -1.21 -72.43
C SER A 69 43.82 -1.94 -71.16
N SER A 70 45.08 -2.39 -71.16
CA SER A 70 45.57 -3.15 -70.02
C SER A 70 46.99 -2.70 -69.68
N ILE A 71 47.25 -2.58 -68.38
CA ILE A 71 48.58 -2.29 -67.83
C ILE A 71 48.96 -3.43 -66.90
N ASP A 72 50.11 -4.05 -67.17
CA ASP A 72 50.68 -5.08 -66.31
C ASP A 72 52.11 -4.66 -65.99
N LEU A 73 52.36 -4.30 -64.72
CA LEU A 73 53.68 -3.93 -64.25
C LEU A 73 54.11 -4.91 -63.17
N THR A 74 55.24 -5.58 -63.38
CA THR A 74 55.78 -6.52 -62.41
C THR A 74 57.20 -6.11 -62.06
N GLN A 75 57.45 -5.89 -60.76
CA GLN A 75 58.78 -5.62 -60.26
C GLN A 75 59.18 -6.72 -59.30
N ARG A 76 60.27 -7.41 -59.62
CA ARG A 76 60.83 -8.47 -58.77
C ARG A 76 62.29 -8.12 -58.50
N GLY A 77 62.61 -7.81 -57.25
CA GLY A 77 63.95 -7.43 -56.88
C GLY A 77 64.00 -6.29 -55.89
N PHE A 78 64.94 -5.36 -56.08
CA PHE A 78 65.10 -4.22 -55.17
C PHE A 78 65.38 -2.94 -55.95
N GLY A 79 64.83 -1.84 -55.46
CA GLY A 79 65.17 -0.52 -55.96
C GLY A 79 64.77 -0.24 -57.40
N ASN A 80 63.87 -1.04 -57.97
CA ASN A 80 63.41 -0.79 -59.32
C ASN A 80 62.37 0.33 -59.32
N SER A 81 62.41 1.16 -60.38
CA SER A 81 61.50 2.29 -60.51
C SER A 81 60.88 2.27 -61.90
N ALA A 82 59.58 2.54 -61.95
CA ALA A 82 58.86 2.57 -63.22
C ALA A 82 57.84 3.70 -63.21
N THR A 83 57.75 4.42 -64.32
CA THR A 83 56.73 5.44 -64.52
C THR A 83 55.97 5.10 -65.79
N LEU A 84 54.68 4.82 -65.66
CA LEU A 84 53.87 4.30 -66.76
C LEU A 84 52.65 5.19 -66.97
N ASP A 85 52.44 5.61 -68.22
CA ASP A 85 51.32 6.47 -68.58
C ASP A 85 50.67 5.94 -69.86
N GLN A 86 49.39 5.61 -69.79
CA GLN A 86 48.60 5.21 -70.95
C GLN A 86 47.40 6.15 -71.05
N TRP A 87 47.42 7.07 -72.01
CA TRP A 87 46.40 8.08 -72.11
C TRP A 87 45.86 8.16 -73.53
N ASN A 88 44.55 8.35 -73.65
CA ASN A 88 43.84 8.62 -74.89
C ASN A 88 43.87 7.45 -75.88
N GLY A 89 44.45 6.33 -75.50
CA GLY A 89 44.52 5.19 -76.40
C GLY A 89 43.30 4.29 -76.29
N LYS A 90 43.18 3.40 -77.27
CA LYS A 90 42.17 2.34 -77.25
C LYS A 90 42.78 1.04 -77.74
N ASN A 91 42.36 -0.06 -77.11
CA ASN A 91 42.83 -1.41 -77.45
C ASN A 91 44.36 -1.49 -77.39
N SER A 92 44.93 -0.99 -76.30
CA SER A 92 46.37 -0.90 -76.13
C SER A 92 46.80 -1.72 -74.91
N GLU A 93 47.94 -2.40 -75.03
CA GLU A 93 48.47 -3.21 -73.95
C GLU A 93 49.88 -2.76 -73.61
N MET A 94 50.16 -2.64 -72.31
CA MET A 94 51.50 -2.31 -71.82
C MET A 94 51.92 -3.37 -70.81
N THR A 95 53.04 -4.04 -71.09
CA THR A 95 53.61 -5.01 -70.16
C THR A 95 55.05 -4.59 -69.87
N VAL A 96 55.29 -4.15 -68.64
CA VAL A 96 56.60 -3.69 -68.20
C VAL A 96 57.04 -4.59 -67.04
N LYS A 97 58.26 -5.12 -67.13
CA LYS A 97 58.76 -6.12 -66.18
C LYS A 97 60.22 -5.82 -65.85
N GLN A 98 60.53 -5.68 -64.55
CA GLN A 98 61.91 -5.53 -64.10
C GLN A 98 62.28 -6.77 -63.29
N PHE A 99 63.40 -7.39 -63.65
CA PHE A 99 64.06 -8.38 -62.80
C PHE A 99 65.42 -7.84 -62.40
N GLY A 100 65.70 -7.83 -61.10
CA GLY A 100 66.99 -7.38 -60.61
C GLY A 100 66.97 -6.16 -59.72
N GLY A 101 67.98 -5.30 -59.84
CA GLY A 101 68.09 -4.16 -58.95
C GLY A 101 68.32 -2.84 -59.65
N GLY A 102 67.59 -1.81 -59.22
CA GLY A 102 67.85 -0.46 -59.68
C GLY A 102 67.51 -0.17 -61.12
N ASN A 103 66.62 -0.95 -61.72
CA ASN A 103 66.25 -0.73 -63.11
C ASN A 103 65.19 0.37 -63.20
N GLY A 104 65.36 1.24 -64.20
CA GLY A 104 64.45 2.35 -64.36
C GLY A 104 63.76 2.37 -65.71
N ALA A 105 62.44 2.49 -65.72
CA ALA A 105 61.65 2.48 -66.95
C ALA A 105 60.67 3.64 -66.95
N ALA A 106 60.60 4.35 -68.07
CA ALA A 106 59.59 5.37 -68.29
C ALA A 106 58.98 5.15 -69.67
N VAL A 107 57.69 4.86 -69.72
CA VAL A 107 57.00 4.52 -70.97
C VAL A 107 55.72 5.33 -71.07
N ASP A 108 55.57 6.04 -72.19
CA ASP A 108 54.36 6.82 -72.47
C ASP A 108 53.74 6.29 -73.77
N GLN A 109 52.46 5.92 -73.70
CA GLN A 109 51.77 5.32 -74.84
C GLN A 109 50.41 6.01 -75.04
N THR A 110 50.20 6.57 -76.22
CA THR A 110 48.91 7.12 -76.61
C THR A 110 48.30 6.46 -77.84
N ALA A 111 49.09 5.69 -78.59
CA ALA A 111 48.60 5.06 -79.80
C ALA A 111 47.50 4.03 -79.49
N SER A 112 46.55 3.92 -80.40
CA SER A 112 45.48 2.94 -80.28
C SER A 112 45.86 1.66 -81.02
N ASN A 113 45.33 0.54 -80.53
CA ASN A 113 45.59 -0.79 -81.12
C ASN A 113 47.08 -1.08 -81.18
N SER A 114 47.81 -0.74 -80.11
CA SER A 114 49.25 -0.84 -80.07
C SER A 114 49.72 -1.47 -78.77
N SER A 115 50.91 -2.06 -78.80
CA SER A 115 51.49 -2.74 -77.65
C SER A 115 52.96 -2.40 -77.51
N VAL A 116 53.38 -2.07 -76.29
CA VAL A 116 54.79 -1.88 -75.95
C VAL A 116 55.15 -2.88 -74.86
N ASN A 117 56.25 -3.60 -75.06
CA ASN A 117 56.72 -4.59 -74.11
C ASN A 117 58.15 -4.26 -73.72
N VAL A 118 58.35 -3.91 -72.45
CA VAL A 118 59.66 -3.53 -71.91
C VAL A 118 60.05 -4.58 -70.88
N THR A 119 61.27 -5.10 -71.02
CA THR A 119 61.78 -6.08 -70.06
C THR A 119 63.20 -5.70 -69.69
N GLN A 120 63.48 -5.60 -68.39
CA GLN A 120 64.84 -5.37 -67.91
C GLN A 120 65.26 -6.53 -67.03
N CYS A 121 66.46 -7.06 -67.30
CA CYS A 121 67.08 -8.09 -66.48
C CYS A 121 68.47 -7.61 -66.07
N GLY A 122 68.76 -7.67 -64.78
CA GLY A 122 70.06 -7.25 -64.28
C GLY A 122 70.01 -6.03 -63.40
N PHE A 123 71.09 -5.25 -63.38
CA PHE A 123 71.25 -4.13 -62.47
C PHE A 123 71.44 -2.83 -63.25
N GLY A 124 70.72 -1.79 -62.84
CA GLY A 124 70.98 -0.45 -63.34
C GLY A 124 70.58 -0.19 -64.77
N ASN A 125 69.70 -1.02 -65.33
CA ASN A 125 69.25 -0.81 -66.70
C ASN A 125 68.26 0.35 -66.76
N ASN A 126 68.37 1.15 -67.83
CA ASN A 126 67.46 2.26 -68.07
C ASN A 126 66.85 2.11 -69.46
N ALA A 127 65.53 2.18 -69.54
CA ALA A 127 64.81 2.02 -70.79
C ALA A 127 63.70 3.05 -70.88
N THR A 128 63.61 3.72 -72.02
CA THR A 128 62.54 4.68 -72.29
C THR A 128 61.84 4.27 -73.58
N ALA A 129 60.51 4.19 -73.53
CA ALA A 129 59.71 3.82 -74.69
C ALA A 129 58.59 4.82 -74.86
N HIS A 130 58.41 5.31 -76.08
CA HIS A 130 57.33 6.23 -76.41
C HIS A 130 56.63 5.74 -77.67
N GLN A 131 55.31 5.66 -77.61
CA GLN A 131 54.48 5.19 -78.71
C GLN A 131 53.29 6.11 -78.87
N TYR A 132 53.18 6.75 -80.03
CA TYR A 132 52.12 7.72 -80.29
C TYR A 132 51.22 7.29 -81.44
N PRO B 22 15.47 -1.25 -49.37
CA PRO B 22 16.91 -1.38 -49.61
C PRO B 22 17.64 -2.13 -48.50
N ASN B 23 18.03 -3.37 -48.77
CA ASN B 23 18.69 -4.22 -47.77
C ASN B 23 20.17 -3.88 -47.72
N SER B 24 20.54 -3.08 -46.72
CA SER B 24 21.92 -2.64 -46.53
C SER B 24 22.43 -3.14 -45.20
N GLU B 25 23.59 -3.80 -45.21
CA GLU B 25 24.20 -4.37 -44.01
C GLU B 25 25.58 -3.79 -43.80
N LEU B 26 25.87 -3.38 -42.56
CA LEU B 26 27.18 -2.86 -42.18
C LEU B 26 27.71 -3.75 -41.05
N ASN B 27 28.86 -4.36 -41.27
CA ASN B 27 29.40 -5.36 -40.35
C ASN B 27 30.79 -4.93 -39.88
N ILE B 28 30.98 -4.91 -38.56
CA ILE B 28 32.27 -4.65 -37.93
C ILE B 28 32.59 -5.78 -36.97
N TYR B 29 33.65 -6.53 -37.27
CA TYR B 29 34.10 -7.66 -36.46
C TYR B 29 35.52 -7.36 -36.03
N GLN B 30 35.76 -7.34 -34.71
CA GLN B 30 37.08 -6.97 -34.21
C GLN B 30 37.67 -8.13 -33.42
N TYR B 31 38.90 -8.51 -33.78
CA TYR B 31 39.65 -9.57 -33.11
C TYR B 31 41.01 -9.02 -32.72
N GLY B 32 41.38 -9.15 -31.45
CA GLY B 32 42.65 -8.64 -30.98
C GLY B 32 42.48 -7.42 -30.08
N GLY B 33 43.43 -6.49 -30.15
CA GLY B 33 43.33 -5.30 -29.33
C GLY B 33 43.89 -4.05 -29.99
N GLY B 34 43.26 -2.91 -29.75
CA GLY B 34 43.75 -1.64 -30.23
C GLY B 34 43.41 -1.29 -31.66
N ASN B 35 42.54 -2.06 -32.31
CA ASN B 35 42.07 -1.68 -33.65
C ASN B 35 40.98 -0.62 -33.56
N SER B 36 40.90 0.21 -34.59
CA SER B 36 39.91 1.27 -34.68
C SER B 36 39.25 1.26 -36.05
N ALA B 37 37.94 1.48 -36.08
CA ALA B 37 37.18 1.46 -37.32
C ALA B 37 36.12 2.55 -37.28
N LEU B 38 35.96 3.25 -38.39
CA LEU B 38 34.85 4.19 -38.56
C LEU B 38 34.16 3.87 -39.89
N ALA B 39 32.84 3.74 -39.86
CA ALA B 39 32.10 3.24 -41.02
C ALA B 39 30.97 4.20 -41.39
N LEU B 40 30.78 4.42 -42.70
CA LEU B 40 29.78 5.32 -43.25
C LEU B 40 29.05 4.69 -44.42
N GLN B 41 27.73 4.59 -44.33
CA GLN B 41 26.92 4.06 -45.40
C GLN B 41 25.62 4.85 -45.53
N THR B 42 25.49 5.62 -46.61
CA THR B 42 24.41 6.59 -46.73
C THR B 42 23.87 6.57 -48.16
N ASP B 43 22.55 6.79 -48.29
CA ASP B 43 21.86 6.73 -49.57
C ASP B 43 22.06 5.39 -50.27
N CYS B 44 22.45 4.37 -49.51
CA CYS B 44 23.08 3.16 -50.05
C CYS B 44 22.07 2.02 -50.07
N ARG B 45 21.56 1.72 -51.26
CA ARG B 45 20.56 0.66 -51.39
C ARG B 45 21.16 -0.68 -51.80
N ASN B 46 20.68 -1.75 -51.16
CA ASN B 46 21.02 -3.13 -51.52
C ASN B 46 22.52 -3.36 -51.63
N SER B 47 23.26 -2.90 -50.62
CA SER B 47 24.71 -3.03 -50.61
C SER B 47 25.20 -3.48 -49.24
N ASP B 48 26.39 -4.07 -49.22
CA ASP B 48 27.01 -4.59 -48.00
C ASP B 48 28.33 -3.88 -47.76
N LEU B 49 28.60 -3.57 -46.50
CA LEU B 49 29.87 -3.01 -46.05
C LEU B 49 30.38 -3.83 -44.87
N THR B 50 31.54 -4.46 -45.02
CA THR B 50 32.08 -5.34 -44.00
C THR B 50 33.51 -4.92 -43.64
N ILE B 51 33.79 -4.80 -42.34
CA ILE B 51 35.12 -4.47 -41.85
C ILE B 51 35.55 -5.56 -40.87
N THR B 52 36.64 -6.24 -41.19
CA THR B 52 37.19 -7.32 -40.38
C THR B 52 38.66 -7.03 -40.10
N GLN B 53 39.02 -6.97 -38.82
CA GLN B 53 40.40 -6.73 -38.40
C GLN B 53 40.90 -7.88 -37.54
N HIS B 54 42.05 -8.43 -37.91
CA HIS B 54 42.75 -9.43 -37.13
C HIS B 54 44.12 -8.87 -36.71
N GLY B 55 44.40 -8.95 -35.41
CA GLY B 55 45.68 -8.46 -34.89
C GLY B 55 45.53 -7.27 -33.97
N GLY B 56 46.35 -6.24 -34.17
CA GLY B 56 46.29 -5.08 -33.32
C GLY B 56 46.71 -3.78 -33.97
N GLY B 57 46.09 -2.67 -33.55
CA GLY B 57 46.53 -1.36 -33.96
C GLY B 57 46.19 -0.96 -35.37
N ASN B 58 45.32 -1.71 -36.06
CA ASN B 58 44.88 -1.33 -37.39
C ASN B 58 43.85 -0.21 -37.29
N GLY B 59 43.93 0.74 -38.21
CA GLY B 59 43.00 1.86 -38.26
C GLY B 59 42.29 1.89 -39.59
N ALA B 60 40.98 2.15 -39.55
CA ALA B 60 40.15 2.04 -40.74
C ALA B 60 39.14 3.18 -40.79
N ASP B 61 38.82 3.62 -42.00
CA ASP B 61 37.79 4.62 -42.26
C ASP B 61 37.11 4.25 -43.57
N VAL B 62 35.82 3.97 -43.53
CA VAL B 62 35.10 3.42 -44.68
C VAL B 62 33.83 4.23 -44.90
N GLY B 63 33.70 4.81 -46.09
CA GLY B 63 32.49 5.50 -46.49
C GLY B 63 31.93 4.91 -47.76
N GLN B 64 30.67 4.48 -47.70
CA GLN B 64 30.04 3.83 -48.85
C GLN B 64 28.70 4.49 -49.12
N GLY B 65 28.55 5.05 -50.31
CA GLY B 65 27.30 5.66 -50.72
C GLY B 65 26.86 5.23 -52.11
N SER B 66 27.08 3.96 -52.46
CA SER B 66 26.83 3.50 -53.82
C SER B 66 25.79 2.38 -53.78
N ASP B 67 24.88 2.40 -54.76
CA ASP B 67 23.82 1.41 -54.81
C ASP B 67 24.32 0.09 -55.38
N ASP B 68 23.75 -1.01 -54.86
CA ASP B 68 24.05 -2.37 -55.30
C ASP B 68 25.55 -2.63 -55.34
N SER B 69 26.25 -2.24 -54.28
CA SER B 69 27.69 -2.27 -54.24
C SER B 69 28.16 -3.11 -53.06
N SER B 70 29.46 -3.35 -52.99
CA SER B 70 30.04 -4.07 -51.87
C SER B 70 31.42 -3.51 -51.55
N ILE B 71 31.70 -3.38 -50.25
CA ILE B 71 33.04 -3.10 -49.74
C ILE B 71 33.42 -4.20 -48.77
N ASP B 72 34.59 -4.81 -48.99
CA ASP B 72 35.15 -5.83 -48.12
C ASP B 72 36.56 -5.39 -47.73
N LEU B 73 36.72 -4.91 -46.49
CA LEU B 73 38.02 -4.51 -45.98
C LEU B 73 38.42 -5.44 -44.85
N THR B 74 39.51 -6.18 -45.06
CA THR B 74 40.01 -7.15 -44.09
C THR B 74 41.43 -6.81 -43.71
N GLN B 75 41.70 -6.70 -42.41
CA GLN B 75 43.02 -6.45 -41.87
C GLN B 75 43.47 -7.63 -41.01
N ARG B 76 44.60 -8.20 -41.37
CA ARG B 76 45.27 -9.25 -40.60
C ARG B 76 46.72 -8.83 -40.39
N GLY B 77 47.08 -8.53 -39.15
CA GLY B 77 48.42 -8.09 -38.82
C GLY B 77 48.46 -6.98 -37.78
N PHE B 78 49.36 -6.02 -37.96
CA PHE B 78 49.46 -4.90 -37.02
C PHE B 78 49.74 -3.59 -37.75
N GLY B 79 49.15 -2.51 -37.24
CA GLY B 79 49.49 -1.17 -37.67
C GLY B 79 49.13 -0.81 -39.10
N ASN B 80 48.22 -1.54 -39.72
CA ASN B 80 47.78 -1.19 -41.06
C ASN B 80 46.77 -0.04 -40.99
N SER B 81 46.80 0.82 -42.02
CA SER B 81 45.88 1.94 -42.10
C SER B 81 45.24 1.97 -43.48
N ALA B 82 43.93 2.19 -43.51
CA ALA B 82 43.16 2.13 -44.74
C ALA B 82 42.14 3.24 -44.75
N THR B 83 41.87 3.78 -45.93
CA THR B 83 40.76 4.72 -46.15
C THR B 83 40.03 4.28 -47.41
N LEU B 84 38.73 4.02 -47.29
CA LEU B 84 37.94 3.53 -48.43
C LEU B 84 36.71 4.41 -48.64
N ASP B 85 36.51 4.84 -49.89
CA ASP B 85 35.39 5.70 -50.27
C ASP B 85 34.71 5.11 -51.50
N GLN B 86 33.41 4.79 -51.35
CA GLN B 86 32.55 4.26 -52.41
C GLN B 86 31.38 5.23 -52.62
N TRP B 87 31.44 6.02 -53.68
CA TRP B 87 30.46 7.09 -53.85
C TRP B 87 29.90 7.11 -55.26
N ASN B 88 28.58 7.34 -55.35
CA ASN B 88 27.87 7.61 -56.59
C ASN B 88 27.96 6.47 -57.60
N GLY B 89 28.54 5.34 -57.20
CA GLY B 89 28.64 4.20 -58.08
C GLY B 89 27.42 3.30 -58.00
N LYS B 90 27.33 2.40 -58.98
CA LYS B 90 26.34 1.33 -58.98
C LYS B 90 27.00 0.05 -59.48
N ASN B 91 26.58 -1.06 -58.87
CA ASN B 91 27.10 -2.39 -59.19
C ASN B 91 28.63 -2.43 -59.13
N SER B 92 29.17 -1.84 -58.06
CA SER B 92 30.62 -1.76 -57.89
C SER B 92 31.05 -2.57 -56.67
N GLU B 93 32.26 -3.14 -56.74
CA GLU B 93 32.77 -4.02 -55.70
C GLU B 93 34.04 -3.44 -55.11
N MET B 94 34.21 -3.60 -53.79
CA MET B 94 35.42 -3.18 -53.10
C MET B 94 35.92 -4.35 -52.27
N THR B 95 37.15 -4.78 -52.54
CA THR B 95 37.85 -5.74 -51.72
C THR B 95 39.25 -5.19 -51.43
N VAL B 96 39.51 -4.86 -50.18
CA VAL B 96 40.76 -4.24 -49.75
C VAL B 96 41.31 -5.08 -48.61
N LYS B 97 42.50 -5.65 -48.79
CA LYS B 97 43.05 -6.64 -47.87
C LYS B 97 44.47 -6.24 -47.51
N GLN B 98 44.82 -6.33 -46.23
CA GLN B 98 46.19 -6.14 -45.74
C GLN B 98 46.66 -7.41 -45.04
N PHE B 99 47.85 -7.87 -45.39
CA PHE B 99 48.54 -8.92 -44.65
C PHE B 99 49.92 -8.41 -44.25
N GLY B 100 50.20 -8.42 -42.94
CA GLY B 100 51.47 -7.96 -42.44
C GLY B 100 51.39 -6.74 -41.55
N GLY B 101 52.37 -5.85 -41.66
CA GLY B 101 52.44 -4.70 -40.77
C GLY B 101 52.62 -3.36 -41.44
N GLY B 102 51.86 -2.37 -40.99
CA GLY B 102 52.09 -0.99 -41.37
C GLY B 102 51.78 -0.63 -42.81
N ASN B 103 50.91 -1.39 -43.47
CA ASN B 103 50.55 -1.08 -44.84
C ASN B 103 49.47 -0.01 -44.88
N GLY B 104 49.65 0.95 -45.79
CA GLY B 104 48.71 2.06 -45.89
C GLY B 104 48.06 2.20 -47.25
N ALA B 105 46.73 2.21 -47.31
CA ALA B 105 45.99 2.20 -48.56
C ALA B 105 44.88 3.24 -48.53
N ALA B 106 44.69 3.94 -49.65
CA ALA B 106 43.57 4.86 -49.83
C ALA B 106 42.99 4.66 -51.22
N VAL B 107 41.68 4.46 -51.29
CA VAL B 107 41.01 4.17 -52.55
C VAL B 107 39.73 4.98 -52.67
N ASP B 108 39.56 5.64 -53.81
CA ASP B 108 38.33 6.32 -54.18
C ASP B 108 37.75 5.66 -55.42
N GLN B 109 36.49 5.24 -55.34
CA GLN B 109 35.84 4.57 -56.47
C GLN B 109 34.46 5.21 -56.69
N THR B 110 34.28 5.83 -57.86
CA THR B 110 33.00 6.39 -58.25
C THR B 110 32.43 5.76 -59.50
N ALA B 111 33.23 5.00 -60.25
CA ALA B 111 32.74 4.39 -61.48
C ALA B 111 31.69 3.33 -61.16
N SER B 112 30.68 3.24 -62.04
CA SER B 112 29.66 2.23 -61.90
C SER B 112 30.08 0.97 -62.64
N ASN B 113 29.62 -0.18 -62.14
CA ASN B 113 29.95 -1.49 -62.72
C ASN B 113 31.46 -1.69 -62.78
N SER B 114 32.14 -1.29 -61.71
CA SER B 114 33.61 -1.31 -61.61
C SER B 114 34.02 -1.93 -60.27
N SER B 115 35.25 -2.45 -60.23
CA SER B 115 35.77 -3.08 -59.02
C SER B 115 37.27 -2.78 -58.91
N VAL B 116 37.73 -2.55 -57.68
CA VAL B 116 39.15 -2.40 -57.38
C VAL B 116 39.49 -3.41 -56.29
N ASN B 117 40.53 -4.22 -56.50
CA ASN B 117 40.89 -5.26 -55.55
C ASN B 117 42.32 -5.00 -55.10
N VAL B 118 42.47 -4.50 -53.89
CA VAL B 118 43.75 -4.01 -53.38
C VAL B 118 44.22 -4.96 -52.29
N THR B 119 45.44 -5.48 -52.42
CA THR B 119 46.01 -6.38 -51.42
C THR B 119 47.44 -5.97 -51.14
N GLN B 120 47.82 -5.98 -49.87
CA GLN B 120 49.22 -5.83 -49.48
C GLN B 120 49.64 -7.04 -48.66
N CYS B 121 50.83 -7.56 -48.96
CA CYS B 121 51.48 -8.54 -48.11
C CYS B 121 52.87 -8.03 -47.76
N GLY B 122 53.21 -8.05 -46.47
CA GLY B 122 54.50 -7.56 -46.03
C GLY B 122 54.44 -6.36 -45.11
N PHE B 123 55.45 -5.50 -45.17
CA PHE B 123 55.59 -4.39 -44.24
C PHE B 123 55.77 -3.08 -44.99
N GLY B 124 55.09 -2.03 -44.51
CA GLY B 124 55.36 -0.68 -44.95
C GLY B 124 54.97 -0.35 -46.36
N ASN B 125 54.07 -1.12 -46.95
CA ASN B 125 53.67 -0.89 -48.33
C ASN B 125 52.61 0.20 -48.41
N ASN B 126 52.69 1.01 -49.47
CA ASN B 126 51.74 2.10 -49.72
C ASN B 126 51.11 1.90 -51.09
N ALA B 127 49.79 1.99 -51.16
CA ALA B 127 49.06 1.81 -52.40
C ALA B 127 47.94 2.84 -52.48
N THR B 128 47.79 3.45 -53.65
CA THR B 128 46.70 4.38 -53.91
C THR B 128 45.96 3.92 -55.16
N ALA B 129 44.64 3.86 -55.08
CA ALA B 129 43.81 3.44 -56.20
C ALA B 129 42.68 4.44 -56.39
N HIS B 130 42.39 4.78 -57.64
CA HIS B 130 41.25 5.60 -58.00
C HIS B 130 40.52 5.03 -59.19
N GLN B 131 39.18 5.06 -59.14
CA GLN B 131 38.35 4.71 -60.29
C GLN B 131 37.21 5.71 -60.42
N TYR B 132 37.08 6.31 -61.59
CA TYR B 132 36.03 7.29 -61.87
C TYR B 132 35.18 6.86 -63.06
N PRO C 22 0.28 -2.66 -32.29
CA PRO C 22 1.59 -2.03 -32.16
C PRO C 22 2.29 -2.43 -30.85
N ASN C 23 3.07 -3.50 -30.88
CA ASN C 23 3.80 -3.99 -29.72
C ASN C 23 5.21 -3.42 -29.71
N SER C 24 5.48 -2.52 -28.79
CA SER C 24 6.81 -1.97 -28.59
C SER C 24 7.37 -2.55 -27.31
N GLU C 25 8.55 -3.16 -27.38
CA GLU C 25 9.18 -3.84 -26.26
C GLU C 25 10.52 -3.19 -25.93
N LEU C 26 10.74 -2.92 -24.66
CA LEU C 26 11.99 -2.36 -24.19
C LEU C 26 12.42 -3.22 -23.00
N ASN C 27 13.63 -3.78 -23.07
CA ASN C 27 14.17 -4.62 -22.02
C ASN C 27 15.52 -4.08 -21.57
N ILE C 28 15.70 -3.96 -20.26
CA ILE C 28 16.96 -3.55 -19.67
C ILE C 28 17.38 -4.58 -18.63
N TYR C 29 18.46 -5.30 -18.91
CA TYR C 29 18.96 -6.38 -18.08
C TYR C 29 20.33 -5.94 -17.57
N GLN C 30 20.45 -5.74 -16.26
CA GLN C 30 21.68 -5.20 -15.71
C GLN C 30 22.22 -6.09 -14.62
N TYR C 31 23.43 -6.60 -14.82
CA TYR C 31 24.08 -7.58 -13.96
C TYR C 31 25.46 -7.05 -13.58
N GLY C 32 25.75 -7.03 -12.29
CA GLY C 32 27.06 -6.59 -11.83
C GLY C 32 26.94 -5.24 -11.14
N GLY C 33 28.01 -4.44 -11.21
CA GLY C 33 27.99 -3.16 -10.53
C GLY C 33 28.55 -2.01 -11.32
N GLY C 34 27.90 -0.85 -11.19
CA GLY C 34 28.35 0.36 -11.86
C GLY C 34 27.84 0.58 -13.27
N ASN C 35 26.95 -0.27 -13.77
CA ASN C 35 26.33 -0.02 -15.07
C ASN C 35 25.12 0.91 -14.94
N SER C 36 24.94 1.78 -15.93
CA SER C 36 23.91 2.82 -15.94
C SER C 36 23.28 2.91 -17.32
N ALA C 37 21.98 3.19 -17.38
CA ALA C 37 21.29 3.08 -18.66
C ALA C 37 20.29 4.20 -18.89
N LEU C 38 20.26 4.71 -20.10
CA LEU C 38 19.16 5.52 -20.61
C LEU C 38 18.61 4.84 -21.86
N ALA C 39 17.29 4.65 -21.91
CA ALA C 39 16.65 3.99 -23.03
C ALA C 39 15.41 4.79 -23.44
N LEU C 40 15.20 4.95 -24.75
CA LEU C 40 14.13 5.80 -25.26
C LEU C 40 13.48 5.21 -26.51
N GLN C 41 12.16 5.02 -26.44
CA GLN C 41 11.31 4.69 -27.58
C GLN C 41 10.16 5.68 -27.69
N THR C 42 9.98 6.25 -28.88
CA THR C 42 8.84 7.12 -29.18
C THR C 42 8.45 6.95 -30.65
N ASP C 43 7.14 6.92 -30.91
CA ASP C 43 6.57 6.79 -32.26
C ASP C 43 7.09 5.55 -33.00
N CYS C 44 7.54 4.52 -32.30
CA CYS C 44 8.11 3.33 -32.92
C CYS C 44 7.15 2.16 -32.70
N ARG C 45 6.37 1.85 -33.72
CA ARG C 45 5.41 0.75 -33.65
C ARG C 45 6.08 -0.57 -34.01
N ASN C 46 5.69 -1.64 -33.31
CA ASN C 46 6.24 -2.97 -33.54
C ASN C 46 7.77 -2.98 -33.50
N SER C 47 8.33 -2.40 -32.44
CA SER C 47 9.78 -2.28 -32.32
C SER C 47 10.25 -2.88 -31.00
N ASP C 48 11.45 -3.46 -31.03
CA ASP C 48 12.05 -4.13 -29.87
C ASP C 48 13.42 -3.52 -29.58
N LEU C 49 13.67 -3.18 -28.32
CA LEU C 49 14.95 -2.63 -27.89
C LEU C 49 15.35 -3.29 -26.57
N THR C 50 16.49 -3.98 -26.58
CA THR C 50 16.96 -4.75 -25.44
C THR C 50 18.33 -4.27 -24.99
N ILE C 51 18.47 -4.05 -23.67
CA ILE C 51 19.73 -3.65 -23.05
C ILE C 51 20.12 -4.72 -22.03
N THR C 52 21.28 -5.32 -22.20
CA THR C 52 21.78 -6.30 -21.24
C THR C 52 23.20 -5.91 -20.87
N GLN C 53 23.44 -5.63 -19.60
CA GLN C 53 24.76 -5.25 -19.14
C GLN C 53 25.33 -6.29 -18.18
N HIS C 54 26.50 -6.80 -18.52
CA HIS C 54 27.26 -7.75 -17.71
C HIS C 54 28.59 -7.12 -17.36
N GLY C 55 28.93 -7.12 -16.07
CA GLY C 55 30.23 -6.61 -15.66
C GLY C 55 30.16 -5.33 -14.83
N GLY C 56 30.91 -4.32 -15.24
CA GLY C 56 30.94 -3.08 -14.49
C GLY C 56 31.16 -1.81 -15.27
N GLY C 57 30.54 -0.73 -14.81
CA GLY C 57 30.88 0.60 -15.29
C GLY C 57 30.44 0.94 -16.69
N ASN C 58 29.63 0.10 -17.33
CA ASN C 58 29.19 0.39 -18.68
C ASN C 58 28.00 1.34 -18.65
N GLY C 59 28.06 2.36 -19.50
CA GLY C 59 27.01 3.37 -19.57
C GLY C 59 26.32 3.31 -20.92
N ALA C 60 24.99 3.40 -20.90
CA ALA C 60 24.20 3.12 -22.09
C ALA C 60 23.19 4.22 -22.33
N ASP C 61 23.06 4.61 -23.60
CA ASP C 61 22.06 5.58 -24.06
C ASP C 61 21.56 5.12 -25.41
N VAL C 62 20.27 4.80 -25.50
CA VAL C 62 19.70 4.19 -26.70
C VAL C 62 18.41 4.90 -27.05
N GLY C 63 18.29 5.35 -28.30
CA GLY C 63 17.08 5.98 -28.80
C GLY C 63 16.52 5.20 -29.99
N GLN C 64 15.23 4.87 -29.91
CA GLN C 64 14.56 4.14 -30.98
C GLN C 64 13.27 4.85 -31.36
N GLY C 65 13.19 5.31 -32.60
CA GLY C 65 12.00 5.97 -33.10
C GLY C 65 11.55 5.46 -34.45
N SER C 66 11.72 4.16 -34.71
CA SER C 66 11.45 3.59 -36.03
C SER C 66 10.51 2.40 -35.93
N ASP C 67 9.63 2.30 -36.91
CA ASP C 67 8.62 1.25 -36.90
C ASP C 67 9.21 -0.06 -37.39
N ASP C 68 8.73 -1.17 -36.81
CA ASP C 68 9.16 -2.52 -37.20
C ASP C 68 10.67 -2.67 -37.17
N SER C 69 11.31 -2.11 -36.15
CA SER C 69 12.76 -2.07 -36.05
C SER C 69 13.22 -2.70 -34.74
N SER C 70 14.48 -3.12 -34.73
CA SER C 70 15.04 -3.78 -33.57
C SER C 70 16.39 -3.17 -33.21
N ILE C 71 16.61 -2.96 -31.92
CA ILE C 71 17.89 -2.56 -31.35
C ILE C 71 18.27 -3.56 -30.26
N ASP C 72 19.46 -4.14 -30.40
CA ASP C 72 19.98 -5.12 -29.46
C ASP C 72 21.34 -4.67 -28.97
N LEU C 73 21.43 -4.23 -27.72
CA LEU C 73 22.66 -3.75 -27.12
C LEU C 73 23.00 -4.64 -25.93
N THR C 74 24.14 -5.33 -26.01
CA THR C 74 24.61 -6.20 -24.94
C THR C 74 26.01 -5.77 -24.54
N GLN C 75 26.21 -5.53 -23.24
CA GLN C 75 27.52 -5.13 -22.73
C GLN C 75 28.03 -6.19 -21.76
N ARG C 76 29.19 -6.75 -22.08
CA ARG C 76 29.88 -7.73 -21.25
C ARG C 76 31.32 -7.27 -21.07
N GLY C 77 31.68 -6.91 -19.85
CA GLY C 77 33.01 -6.44 -19.57
C GLY C 77 33.05 -5.27 -18.61
N PHE C 78 33.90 -4.28 -18.87
CA PHE C 78 33.97 -3.09 -18.02
C PHE C 78 34.21 -1.84 -18.85
N GLY C 79 33.61 -0.73 -18.39
CA GLY C 79 33.92 0.60 -18.89
C GLY C 79 33.53 0.89 -20.32
N ASN C 80 32.65 0.08 -20.91
CA ASN C 80 32.21 0.36 -22.26
C ASN C 80 31.08 1.39 -22.25
N SER C 81 31.08 2.25 -23.26
CA SER C 81 30.09 3.32 -23.38
C SER C 81 29.47 3.29 -24.76
N ALA C 82 28.15 3.45 -24.83
CA ALA C 82 27.43 3.28 -26.08
C ALA C 82 26.35 4.33 -26.24
N THR C 83 26.27 4.92 -27.42
CA THR C 83 25.21 5.84 -27.80
C THR C 83 24.61 5.36 -29.10
N LEU C 84 23.32 5.03 -29.09
CA LEU C 84 22.70 4.32 -30.20
C LEU C 84 21.37 4.99 -30.54
N ASP C 85 21.22 5.39 -31.81
CA ASP C 85 20.06 6.15 -32.27
C ASP C 85 19.57 5.53 -33.56
N GLN C 86 18.33 5.03 -33.57
CA GLN C 86 17.72 4.52 -34.79
C GLN C 86 16.43 5.34 -34.94
N TRP C 87 16.38 6.18 -35.95
CA TRP C 87 15.26 7.10 -36.14
C TRP C 87 14.73 7.03 -37.57
N ASN C 88 13.41 7.14 -37.70
CA ASN C 88 12.72 7.32 -38.98
C ASN C 88 12.86 6.14 -39.93
N GLY C 89 13.50 5.07 -39.50
CA GLY C 89 13.64 3.89 -40.34
C GLY C 89 12.45 2.98 -40.26
N LYS C 90 12.41 1.99 -41.16
CA LYS C 90 11.44 0.92 -41.09
C LYS C 90 12.10 -0.41 -41.44
N ASN C 91 11.68 -1.45 -40.71
CA ASN C 91 12.18 -2.81 -40.91
C ASN C 91 13.72 -2.81 -40.84
N SER C 92 14.23 -2.24 -39.75
CA SER C 92 15.66 -2.04 -39.59
C SER C 92 16.16 -2.77 -38.34
N GLU C 93 17.31 -3.39 -38.46
CA GLU C 93 17.91 -4.13 -37.36
C GLU C 93 19.29 -3.55 -37.05
N MET C 94 19.51 -3.21 -35.78
CA MET C 94 20.78 -2.63 -35.33
C MET C 94 21.25 -3.46 -34.15
N THR C 95 22.51 -3.89 -34.19
CA THR C 95 23.10 -4.69 -33.12
C THR C 95 24.43 -4.09 -32.70
N VAL C 96 24.63 -3.91 -31.40
CA VAL C 96 25.93 -3.54 -30.84
C VAL C 96 26.25 -4.49 -29.69
N LYS C 97 27.39 -5.17 -29.77
CA LYS C 97 27.83 -6.11 -28.75
C LYS C 97 29.26 -5.74 -28.36
N GLN C 98 29.47 -5.39 -27.09
CA GLN C 98 30.80 -4.99 -26.63
C GLN C 98 31.34 -6.00 -25.64
N PHE C 99 32.53 -6.52 -25.94
CA PHE C 99 33.24 -7.47 -25.09
C PHE C 99 34.58 -6.87 -24.70
N GLY C 100 34.87 -6.81 -23.41
CA GLY C 100 36.17 -6.33 -22.96
C GLY C 100 36.12 -5.03 -22.19
N GLY C 101 37.08 -4.14 -22.44
CA GLY C 101 37.19 -2.94 -21.65
C GLY C 101 37.30 -1.64 -22.42
N GLY C 102 36.56 -0.62 -21.97
CA GLY C 102 36.77 0.74 -22.44
C GLY C 102 36.41 0.99 -23.89
N ASN C 103 35.58 0.16 -24.49
CA ASN C 103 35.25 0.31 -25.89
C ASN C 103 34.08 1.28 -26.04
N GLY C 104 34.20 2.22 -26.98
CA GLY C 104 33.18 3.23 -27.15
C GLY C 104 32.51 3.17 -28.50
N ALA C 105 31.18 3.16 -28.52
CA ALA C 105 30.42 2.96 -29.74
C ALA C 105 29.35 4.03 -29.87
N ALA C 106 29.18 4.54 -31.09
CA ALA C 106 28.05 5.40 -31.44
C ALA C 106 27.47 4.90 -32.77
N VAL C 107 26.17 4.67 -32.80
CA VAL C 107 25.49 4.15 -33.99
C VAL C 107 24.26 5.00 -34.28
N ASP C 108 24.20 5.56 -35.48
CA ASP C 108 23.02 6.24 -35.99
C ASP C 108 22.55 5.54 -37.25
N GLN C 109 21.27 5.15 -37.27
CA GLN C 109 20.69 4.41 -38.39
C GLN C 109 19.34 5.01 -38.73
N THR C 110 19.22 5.59 -39.92
CA THR C 110 17.94 6.08 -40.42
C THR C 110 17.49 5.37 -41.69
N ALA C 111 18.36 4.58 -42.32
CA ALA C 111 17.97 3.88 -43.54
C ALA C 111 16.89 2.85 -43.24
N SER C 112 15.98 2.68 -44.20
CA SER C 112 14.90 1.72 -44.07
C SER C 112 15.32 0.37 -44.66
N ASN C 113 14.78 -0.70 -44.08
CA ASN C 113 15.07 -2.07 -44.50
C ASN C 113 16.57 -2.35 -44.48
N SER C 114 17.28 -1.78 -43.50
CA SER C 114 18.73 -1.81 -43.47
C SER C 114 19.23 -2.29 -42.11
N SER C 115 20.47 -2.77 -42.07
CA SER C 115 21.04 -3.39 -40.88
C SER C 115 22.42 -2.82 -40.59
N VAL C 116 22.67 -2.51 -39.32
CA VAL C 116 23.99 -2.13 -38.82
C VAL C 116 24.38 -3.12 -37.73
N ASN C 117 25.58 -3.69 -37.83
CA ASN C 117 26.07 -4.65 -36.86
C ASN C 117 27.41 -4.16 -36.34
N VAL C 118 27.50 -3.96 -35.02
CA VAL C 118 28.73 -3.50 -34.39
C VAL C 118 29.10 -4.51 -33.31
N THR C 119 30.32 -5.04 -33.38
CA THR C 119 30.84 -5.94 -32.36
C THR C 119 32.30 -5.60 -32.13
N GLN C 120 32.63 -5.15 -30.94
CA GLN C 120 33.99 -4.74 -30.62
C GLN C 120 34.52 -5.58 -29.47
N CYS C 121 35.67 -6.21 -29.70
CA CYS C 121 36.32 -7.08 -28.73
C CYS C 121 37.73 -6.58 -28.48
N GLY C 122 38.13 -6.57 -27.21
CA GLY C 122 39.44 -6.09 -26.82
C GLY C 122 39.38 -4.91 -25.87
N PHE C 123 40.35 -4.00 -25.98
CA PHE C 123 40.42 -2.84 -25.10
C PHE C 123 40.59 -1.57 -25.92
N GLY C 124 39.86 -0.53 -25.52
CA GLY C 124 40.05 0.79 -26.09
C GLY C 124 39.59 0.95 -27.52
N ASN C 125 38.77 0.03 -28.02
CA ASN C 125 38.33 0.11 -29.40
C ASN C 125 37.27 1.19 -29.55
N ASN C 126 37.33 1.93 -30.65
CA ASN C 126 36.37 2.99 -30.95
C ASN C 126 35.71 2.68 -32.29
N ALA C 127 34.38 2.72 -32.30
CA ALA C 127 33.62 2.43 -33.50
C ALA C 127 32.53 3.47 -33.67
N THR C 128 32.38 3.97 -34.88
CA THR C 128 31.29 4.87 -35.22
C THR C 128 30.62 4.35 -36.47
N ALA C 129 29.30 4.21 -36.42
CA ALA C 129 28.54 3.68 -37.53
C ALA C 129 27.36 4.59 -37.86
N HIS C 130 27.27 5.02 -39.11
CA HIS C 130 26.16 5.83 -39.57
C HIS C 130 25.55 5.20 -40.82
N GLN C 131 24.24 5.00 -40.80
CA GLN C 131 23.51 4.44 -41.93
C GLN C 131 22.28 5.28 -42.20
N TYR C 132 22.28 5.98 -43.33
CA TYR C 132 21.14 6.83 -43.72
C TYR C 132 20.41 6.28 -44.94
N PRO D 22 1.74 5.69 -30.65
CA PRO D 22 2.08 5.00 -29.41
C PRO D 22 3.45 5.41 -28.90
N ASN D 23 3.49 6.55 -28.23
CA ASN D 23 4.68 6.99 -27.53
C ASN D 23 4.73 6.19 -26.24
N SER D 24 5.51 5.11 -26.24
CA SER D 24 5.67 4.27 -25.06
C SER D 24 7.12 4.28 -24.62
N GLU D 25 7.36 4.74 -23.40
CA GLU D 25 8.70 5.00 -22.89
C GLU D 25 8.97 4.18 -21.64
N LEU D 26 10.15 3.57 -21.59
CA LEU D 26 10.61 2.84 -20.41
C LEU D 26 12.02 3.33 -20.06
N ASN D 27 12.15 3.91 -18.87
CA ASN D 27 13.41 4.43 -18.38
C ASN D 27 13.81 3.67 -17.13
N ILE D 28 15.07 3.25 -17.08
CA ILE D 28 15.67 2.65 -15.89
C ILE D 28 16.97 3.37 -15.63
N TYR D 29 17.15 3.85 -14.41
CA TYR D 29 18.37 4.54 -14.03
C TYR D 29 18.96 3.85 -12.82
N GLN D 30 20.24 3.44 -12.91
CA GLN D 30 20.94 2.86 -11.78
C GLN D 30 22.18 3.69 -11.47
N TYR D 31 22.31 4.09 -10.22
CA TYR D 31 23.51 4.78 -9.75
C TYR D 31 24.06 4.02 -8.55
N GLY D 32 25.33 3.63 -8.63
CA GLY D 32 25.92 2.75 -7.64
C GLY D 32 26.37 1.43 -8.25
N GLY D 33 26.34 0.35 -7.48
CA GLY D 33 26.70 -0.94 -8.02
C GLY D 33 25.95 -2.12 -7.42
N GLY D 34 25.69 -3.15 -8.22
CA GLY D 34 25.01 -4.36 -7.74
C GLY D 34 23.50 -4.35 -7.82
N ASN D 35 22.89 -3.29 -8.35
CA ASN D 35 21.44 -3.25 -8.49
C ASN D 35 20.97 -4.12 -9.65
N SER D 36 19.78 -4.70 -9.49
CA SER D 36 19.15 -5.54 -10.50
C SER D 36 17.73 -5.08 -10.72
N ALA D 37 17.33 -4.92 -11.98
CA ALA D 37 15.96 -4.53 -12.29
C ALA D 37 15.52 -5.14 -13.59
N LEU D 38 14.29 -5.66 -13.63
CA LEU D 38 13.65 -6.16 -14.85
C LEU D 38 12.41 -5.35 -15.18
N ALA D 39 12.30 -4.91 -16.44
CA ALA D 39 11.17 -4.12 -16.92
C ALA D 39 10.62 -4.73 -18.20
N LEU D 40 9.29 -4.83 -18.31
CA LEU D 40 8.62 -5.47 -19.43
C LEU D 40 7.40 -4.67 -19.87
N GLN D 41 7.38 -4.26 -21.14
CA GLN D 41 6.29 -3.44 -21.69
C GLN D 41 5.85 -4.01 -23.02
N THR D 42 4.63 -4.55 -23.06
CA THR D 42 4.02 -5.04 -24.29
C THR D 42 2.52 -4.84 -24.21
N ASP D 43 1.88 -4.68 -25.36
CA ASP D 43 0.46 -4.35 -25.46
C ASP D 43 0.16 -3.02 -24.76
N CYS D 44 1.18 -2.21 -24.57
CA CYS D 44 1.12 -1.06 -23.67
C CYS D 44 1.38 0.19 -24.51
N ARG D 45 0.31 0.83 -24.97
CA ARG D 45 0.46 2.03 -25.79
C ARG D 45 0.49 3.28 -24.93
N ASN D 46 1.21 4.29 -25.40
CA ASN D 46 1.14 5.63 -24.82
C ASN D 46 1.38 5.60 -23.31
N SER D 47 2.36 4.81 -22.88
CA SER D 47 2.56 4.58 -21.47
C SER D 47 4.04 4.65 -21.10
N ASP D 48 4.30 5.00 -19.85
CA ASP D 48 5.64 5.22 -19.35
C ASP D 48 5.90 4.29 -18.17
N LEU D 49 7.09 3.69 -18.15
CA LEU D 49 7.56 2.85 -17.05
C LEU D 49 8.91 3.38 -16.61
N THR D 50 9.00 3.88 -15.38
CA THR D 50 10.22 4.51 -14.89
C THR D 50 10.75 3.76 -13.67
N ILE D 51 12.04 3.43 -13.71
CA ILE D 51 12.73 2.78 -12.60
C ILE D 51 13.93 3.64 -12.24
N THR D 52 14.09 3.92 -10.95
CA THR D 52 15.25 4.65 -10.44
C THR D 52 15.81 3.90 -9.26
N GLN D 53 17.04 3.41 -9.39
CA GLN D 53 17.68 2.65 -8.32
C GLN D 53 18.95 3.38 -7.89
N HIS D 54 18.98 3.79 -6.63
CA HIS D 54 20.12 4.48 -6.05
C HIS D 54 20.72 3.62 -4.95
N GLY D 55 22.03 3.38 -5.04
CA GLY D 55 22.71 2.58 -4.04
C GLY D 55 23.30 1.29 -4.59
N GLY D 56 23.00 0.17 -3.93
CA GLY D 56 23.51 -1.10 -4.40
C GLY D 56 22.66 -2.30 -4.04
N GLY D 57 22.61 -3.29 -4.92
CA GLY D 57 21.96 -4.54 -4.58
C GLY D 57 20.45 -4.52 -4.58
N ASN D 58 19.83 -3.48 -5.14
CA ASN D 58 18.37 -3.37 -5.14
C ASN D 58 17.77 -4.24 -6.24
N GLY D 59 16.62 -4.82 -5.96
CA GLY D 59 15.96 -5.74 -6.87
C GLY D 59 14.64 -5.19 -7.35
N ALA D 60 14.34 -5.38 -8.64
CA ALA D 60 13.12 -4.84 -9.22
C ALA D 60 12.66 -5.71 -10.37
N ASP D 61 11.36 -6.02 -10.40
CA ASP D 61 10.75 -6.75 -11.51
C ASP D 61 9.43 -6.07 -11.83
N VAL D 62 9.33 -5.48 -13.01
CA VAL D 62 8.20 -4.63 -13.37
C VAL D 62 7.67 -5.04 -14.73
N GLY D 63 6.40 -5.38 -14.80
CA GLY D 63 5.72 -5.72 -16.05
C GLY D 63 4.59 -4.77 -16.33
N GLN D 64 4.56 -4.24 -17.56
CA GLN D 64 3.57 -3.24 -17.93
C GLN D 64 2.87 -3.62 -19.23
N GLY D 65 1.58 -3.89 -19.14
CA GLY D 65 0.77 -4.18 -20.30
C GLY D 65 -0.55 -3.43 -20.31
N SER D 66 -0.56 -2.20 -19.83
CA SER D 66 -1.81 -1.47 -19.62
C SER D 66 -1.78 -0.17 -20.41
N ASP D 67 -2.93 0.20 -20.97
CA ASP D 67 -3.00 1.37 -21.84
C ASP D 67 -3.02 2.66 -21.03
N ASP D 68 -2.34 3.68 -21.56
CA ASP D 68 -2.33 5.02 -20.95
C ASP D 68 -1.98 4.97 -19.48
N SER D 69 -0.98 4.17 -19.14
CA SER D 69 -0.66 3.89 -17.75
C SER D 69 0.78 4.31 -17.45
N SER D 70 1.08 4.42 -16.17
CA SER D 70 2.41 4.81 -15.74
C SER D 70 2.86 3.93 -14.59
N ILE D 71 4.14 3.58 -14.60
CA ILE D 71 4.80 2.90 -13.49
C ILE D 71 6.01 3.71 -13.07
N ASP D 72 6.08 4.04 -11.78
CA ASP D 72 7.22 4.75 -11.19
C ASP D 72 7.74 3.93 -10.03
N LEU D 73 9.02 3.55 -10.10
CA LEU D 73 9.68 2.80 -9.04
C LEU D 73 10.93 3.57 -8.60
N THR D 74 11.05 3.82 -7.29
CA THR D 74 12.21 4.48 -6.73
C THR D 74 12.77 3.64 -5.58
N GLN D 75 13.95 3.07 -5.78
CA GLN D 75 14.65 2.31 -4.75
C GLN D 75 15.90 3.10 -4.38
N ARG D 76 15.97 3.58 -3.15
CA ARG D 76 17.13 4.34 -2.69
C ARG D 76 17.67 3.65 -1.44
N GLY D 77 18.87 3.10 -1.54
CA GLY D 77 19.45 2.35 -0.45
C GLY D 77 20.15 1.09 -0.93
N PHE D 78 19.95 -0.03 -0.24
CA PHE D 78 20.59 -1.28 -0.62
C PHE D 78 19.66 -2.47 -0.39
N GLY D 79 19.73 -3.44 -1.30
CA GLY D 79 19.07 -4.73 -1.11
C GLY D 79 17.56 -4.71 -1.09
N ASN D 80 16.93 -3.69 -1.67
CA ASN D 80 15.48 -3.57 -1.64
C ASN D 80 14.84 -4.42 -2.73
N SER D 81 13.60 -4.86 -2.48
CA SER D 81 12.90 -5.76 -3.39
C SER D 81 11.50 -5.25 -3.69
N ALA D 82 11.12 -5.27 -4.96
CA ALA D 82 9.75 -4.94 -5.35
C ALA D 82 9.40 -5.67 -6.64
N THR D 83 8.23 -6.31 -6.65
CA THR D 83 7.72 -7.04 -7.81
C THR D 83 6.42 -6.39 -8.26
N LEU D 84 6.44 -5.85 -9.48
CA LEU D 84 5.47 -4.85 -9.91
C LEU D 84 4.85 -5.30 -11.24
N ASP D 85 3.53 -5.40 -11.29
CA ASP D 85 2.84 -5.84 -12.51
C ASP D 85 1.65 -4.92 -12.77
N GLN D 86 1.62 -4.31 -13.95
CA GLN D 86 0.51 -3.49 -14.42
C GLN D 86 0.02 -4.07 -15.74
N TRP D 87 -1.08 -4.80 -15.70
CA TRP D 87 -1.60 -5.51 -16.87
C TRP D 87 -3.07 -5.19 -17.07
N ASN D 88 -3.48 -5.15 -18.34
CA ASN D 88 -4.88 -5.11 -18.78
C ASN D 88 -5.58 -3.82 -18.34
N GLY D 89 -4.88 -2.95 -17.62
CA GLY D 89 -5.49 -1.74 -17.12
C GLY D 89 -5.51 -0.61 -18.12
N LYS D 90 -6.27 0.44 -17.78
CA LYS D 90 -6.26 1.69 -18.52
C LYS D 90 -6.23 2.89 -17.57
N ASN D 91 -5.44 3.89 -17.96
CA ASN D 91 -5.34 5.16 -17.24
C ASN D 91 -4.95 4.94 -15.77
N SER D 92 -3.98 4.07 -15.56
CA SER D 92 -3.63 3.61 -14.22
C SER D 92 -2.21 4.04 -13.87
N GLU D 93 -2.01 4.49 -12.63
CA GLU D 93 -0.72 4.94 -12.14
C GLU D 93 -0.31 4.08 -10.96
N MET D 94 0.93 3.64 -10.93
CA MET D 94 1.46 2.85 -9.82
C MET D 94 2.75 3.47 -9.33
N THR D 95 2.83 3.77 -8.05
CA THR D 95 4.00 4.39 -7.45
C THR D 95 4.47 3.56 -6.26
N VAL D 96 5.76 3.25 -6.24
CA VAL D 96 6.42 2.60 -5.12
C VAL D 96 7.70 3.37 -4.81
N LYS D 97 7.91 3.69 -3.54
CA LYS D 97 9.14 4.36 -3.11
C LYS D 97 9.74 3.62 -1.93
N GLN D 98 10.88 2.96 -2.15
CA GLN D 98 11.55 2.18 -1.13
C GLN D 98 12.76 2.97 -0.67
N PHE D 99 12.79 3.33 0.61
CA PHE D 99 13.93 4.04 1.20
C PHE D 99 14.52 3.19 2.30
N GLY D 100 15.82 2.94 2.22
CA GLY D 100 16.50 2.13 3.23
C GLY D 100 17.07 0.83 2.70
N GLY D 101 17.00 -0.23 3.49
CA GLY D 101 17.63 -1.48 3.10
C GLY D 101 16.78 -2.71 3.27
N GLY D 102 16.82 -3.62 2.28
CA GLY D 102 16.13 -4.89 2.40
C GLY D 102 14.62 -4.81 2.42
N ASN D 103 14.05 -3.80 1.76
CA ASN D 103 12.62 -3.55 1.82
C ASN D 103 11.89 -4.32 0.73
N GLY D 104 10.73 -4.88 1.06
CA GLY D 104 9.98 -5.69 0.12
C GLY D 104 8.55 -5.26 -0.14
N ALA D 105 8.18 -5.06 -1.41
CA ALA D 105 6.83 -4.68 -1.77
C ALA D 105 6.43 -5.44 -3.03
N ALA D 106 5.19 -5.96 -3.06
CA ALA D 106 4.67 -6.67 -4.22
C ALA D 106 3.32 -6.10 -4.58
N VAL D 107 3.21 -5.57 -5.81
CA VAL D 107 2.01 -4.88 -6.25
C VAL D 107 1.61 -5.36 -7.64
N ASP D 108 0.38 -5.82 -7.77
CA ASP D 108 -0.22 -6.12 -9.07
C ASP D 108 -1.37 -5.17 -9.31
N GLN D 109 -1.48 -4.65 -10.54
CA GLN D 109 -2.54 -3.73 -10.92
C GLN D 109 -3.20 -4.20 -12.20
N THR D 110 -4.50 -4.52 -12.13
CA THR D 110 -5.32 -4.69 -13.31
C THR D 110 -6.51 -3.72 -13.37
N ALA D 111 -6.81 -3.02 -12.28
CA ALA D 111 -7.89 -2.07 -12.26
C ALA D 111 -7.59 -0.91 -13.21
N SER D 112 -8.63 -0.39 -13.83
CA SER D 112 -8.50 0.75 -14.73
C SER D 112 -8.70 2.06 -13.98
N ASN D 113 -8.02 3.10 -14.43
CA ASN D 113 -8.14 4.43 -13.85
C ASN D 113 -7.80 4.43 -12.36
N SER D 114 -6.85 3.60 -11.95
CA SER D 114 -6.62 3.33 -10.54
C SER D 114 -5.14 3.57 -10.19
N SER D 115 -4.90 3.81 -8.89
CA SER D 115 -3.57 4.12 -8.38
C SER D 115 -3.25 3.31 -7.14
N VAL D 116 -1.99 2.91 -7.02
CA VAL D 116 -1.43 2.30 -5.82
C VAL D 116 -0.17 3.06 -5.44
N ASN D 117 -0.05 3.44 -4.17
CA ASN D 117 1.12 4.12 -3.67
C ASN D 117 1.73 3.29 -2.55
N VAL D 118 2.99 2.91 -2.71
CA VAL D 118 3.72 2.14 -1.71
C VAL D 118 4.86 3.02 -1.22
N THR D 119 4.98 3.16 0.10
CA THR D 119 6.07 3.93 0.67
C THR D 119 6.71 3.15 1.80
N GLN D 120 7.90 2.63 1.56
CA GLN D 120 8.66 1.88 2.56
C GLN D 120 9.84 2.73 2.98
N CYS D 121 9.98 2.97 4.28
CA CYS D 121 11.14 3.64 4.82
C CYS D 121 11.72 2.78 5.93
N GLY D 122 13.03 2.56 5.87
CA GLY D 122 13.71 1.78 6.89
C GLY D 122 14.29 0.47 6.40
N PHE D 123 14.33 -0.54 7.26
CA PHE D 123 15.01 -1.79 6.98
C PHE D 123 14.06 -2.96 7.15
N GLY D 124 14.08 -3.88 6.17
CA GLY D 124 13.32 -5.11 6.29
C GLY D 124 11.82 -4.97 6.18
N ASN D 125 11.33 -3.90 5.55
CA ASN D 125 9.90 -3.66 5.47
C ASN D 125 9.27 -4.50 4.36
N ASN D 126 8.10 -5.08 4.64
CA ASN D 126 7.38 -5.87 3.65
C ASN D 126 5.90 -5.51 3.66
N ALA D 127 5.40 -4.97 2.55
CA ALA D 127 3.99 -4.60 2.41
C ALA D 127 3.56 -4.84 0.98
N THR D 128 2.44 -5.54 0.79
CA THR D 128 2.00 -5.97 -0.53
C THR D 128 0.60 -5.43 -0.81
N ALA D 129 0.36 -5.02 -2.04
CA ALA D 129 -0.93 -4.48 -2.45
C ALA D 129 -1.34 -5.11 -3.77
N HIS D 130 -2.61 -5.52 -3.89
CA HIS D 130 -3.13 -6.01 -5.16
C HIS D 130 -4.38 -5.22 -5.51
N GLN D 131 -4.44 -4.71 -6.73
CA GLN D 131 -5.54 -3.87 -7.18
C GLN D 131 -6.09 -4.43 -8.49
N TYR D 132 -7.35 -4.83 -8.47
CA TYR D 132 -7.99 -5.41 -9.66
C TYR D 132 -9.25 -4.63 -10.09
N PRO E 22 -12.62 5.18 -11.88
CA PRO E 22 -12.60 4.88 -10.44
C PRO E 22 -11.26 5.22 -9.76
N ASN E 23 -11.18 6.44 -9.25
CA ASN E 23 -9.95 6.95 -8.65
C ASN E 23 -9.77 6.31 -7.28
N SER E 24 -8.99 5.23 -7.24
CA SER E 24 -8.79 4.45 -6.04
C SER E 24 -7.32 4.50 -5.67
N GLU E 25 -7.04 4.86 -4.42
CA GLU E 25 -5.67 5.09 -3.96
C GLU E 25 -5.38 4.23 -2.73
N LEU E 26 -4.21 3.62 -2.72
CA LEU E 26 -3.73 2.84 -1.58
C LEU E 26 -2.41 3.45 -1.12
N ASN E 27 -2.34 3.82 0.16
CA ASN E 27 -1.17 4.46 0.73
C ASN E 27 -0.69 3.66 1.92
N ILE E 28 0.63 3.51 2.04
CA ILE E 28 1.27 2.85 3.16
C ILE E 28 2.40 3.75 3.61
N TYR E 29 2.43 4.09 4.90
CA TYR E 29 3.52 4.87 5.47
C TYR E 29 4.08 4.13 6.68
N GLN E 30 5.36 3.77 6.60
CA GLN E 30 6.03 2.99 7.63
C GLN E 30 7.26 3.74 8.09
N TYR E 31 7.38 3.96 9.40
CA TYR E 31 8.53 4.67 9.97
C TYR E 31 9.10 3.86 11.12
N GLY E 32 10.41 3.62 11.09
CA GLY E 32 11.04 2.78 12.08
C GLY E 32 11.60 1.50 11.47
N GLY E 33 11.52 0.39 12.19
CA GLY E 33 11.98 -0.88 11.67
C GLY E 33 11.16 -2.07 12.13
N GLY E 34 11.02 -3.06 11.25
CA GLY E 34 10.30 -4.27 11.59
C GLY E 34 8.80 -4.20 11.48
N ASN E 35 8.24 -3.13 10.90
CA ASN E 35 6.80 -3.04 10.72
C ASN E 35 6.33 -3.81 9.47
N SER E 36 5.18 -4.45 9.60
CA SER E 36 4.56 -5.20 8.51
C SER E 36 3.10 -4.81 8.35
N ALA E 37 2.67 -4.63 7.10
CA ALA E 37 1.28 -4.31 6.80
C ALA E 37 0.88 -5.05 5.54
N LEU E 38 -0.34 -5.58 5.52
CA LEU E 38 -0.88 -6.28 4.37
C LEU E 38 -2.18 -5.63 3.90
N ALA E 39 -2.19 -5.14 2.67
CA ALA E 39 -3.29 -4.34 2.15
C ALA E 39 -3.82 -4.93 0.85
N LEU E 40 -5.14 -4.96 0.72
CA LEU E 40 -5.85 -5.50 -0.44
C LEU E 40 -6.99 -4.58 -0.87
N GLN E 41 -6.97 -4.15 -2.12
CA GLN E 41 -7.99 -3.27 -2.67
C GLN E 41 -8.38 -3.72 -4.07
N THR E 42 -9.55 -4.33 -4.21
CA THR E 42 -9.98 -4.95 -5.46
C THR E 42 -11.45 -4.65 -5.70
N ASP E 43 -11.81 -4.46 -6.97
CA ASP E 43 -13.17 -4.07 -7.37
C ASP E 43 -13.61 -2.79 -6.66
N CYS E 44 -12.67 -2.02 -6.13
CA CYS E 44 -12.94 -1.04 -5.09
C CYS E 44 -12.80 0.34 -5.73
N ARG E 45 -13.94 0.90 -6.14
CA ARG E 45 -13.93 2.14 -6.91
C ARG E 45 -14.02 3.36 -6.01
N ASN E 46 -13.29 4.42 -6.39
CA ASN E 46 -13.36 5.71 -5.71
C ASN E 46 -13.15 5.58 -4.21
N SER E 47 -12.13 4.81 -3.83
CA SER E 47 -11.90 4.53 -2.42
C SER E 47 -10.43 4.71 -2.07
N ASP E 48 -10.18 4.95 -0.79
CA ASP E 48 -8.83 5.17 -0.27
C ASP E 48 -8.53 4.16 0.83
N LEU E 49 -7.30 3.65 0.82
CA LEU E 49 -6.77 2.77 1.85
C LEU E 49 -5.45 3.36 2.33
N THR E 50 -5.40 3.81 3.58
CA THR E 50 -4.20 4.41 4.15
C THR E 50 -3.76 3.63 5.39
N ILE E 51 -2.46 3.33 5.45
CA ILE E 51 -1.85 2.65 6.59
C ILE E 51 -0.71 3.54 7.06
N THR E 52 -0.65 3.81 8.36
CA THR E 52 0.44 4.59 8.93
C THR E 52 0.97 3.87 10.15
N GLN E 53 2.19 3.35 10.05
CA GLN E 53 2.83 2.63 11.16
C GLN E 53 4.02 3.44 11.65
N HIS E 54 4.03 3.75 12.95
CA HIS E 54 5.14 4.43 13.59
C HIS E 54 5.72 3.53 14.67
N GLY E 55 7.04 3.34 14.65
CA GLY E 55 7.70 2.52 15.64
C GLY E 55 8.30 1.25 15.08
N GLY E 56 8.03 0.12 15.72
CA GLY E 56 8.57 -1.14 15.28
C GLY E 56 7.69 -2.35 15.57
N GLY E 57 7.73 -3.34 14.67
CA GLY E 57 7.04 -4.60 14.93
C GLY E 57 5.54 -4.55 14.84
N ASN E 58 4.97 -3.51 14.23
CA ASN E 58 3.52 -3.39 14.12
C ASN E 58 3.00 -4.21 12.95
N GLY E 59 1.87 -4.87 13.18
CA GLY E 59 1.27 -5.74 12.17
C GLY E 59 -0.13 -5.30 11.81
N ALA E 60 -0.46 -5.35 10.52
CA ALA E 60 -1.77 -4.93 10.06
C ALA E 60 -2.14 -5.71 8.82
N ASP E 61 -3.39 -6.19 8.78
CA ASP E 61 -3.93 -6.91 7.63
C ASP E 61 -5.24 -6.25 7.26
N VAL E 62 -5.30 -5.64 6.07
CA VAL E 62 -6.45 -4.82 5.68
C VAL E 62 -6.87 -5.18 4.26
N GLY E 63 -8.13 -5.57 4.09
CA GLY E 63 -8.71 -5.85 2.78
C GLY E 63 -9.84 -4.91 2.48
N GLN E 64 -9.86 -4.36 1.27
CA GLN E 64 -10.88 -3.39 0.88
C GLN E 64 -11.48 -3.78 -0.46
N GLY E 65 -12.78 -4.08 -0.45
CA GLY E 65 -13.50 -4.37 -1.68
C GLY E 65 -14.81 -3.60 -1.76
N SER E 66 -14.83 -2.37 -1.26
CA SER E 66 -16.06 -1.63 -1.11
C SER E 66 -15.99 -0.30 -1.85
N ASP E 67 -17.03 0.02 -2.61
CA ASP E 67 -17.01 1.22 -3.43
C ASP E 67 -17.23 2.48 -2.58
N ASP E 68 -16.58 3.57 -3.00
CA ASP E 68 -16.70 4.87 -2.34
C ASP E 68 -16.45 4.79 -0.84
N SER E 69 -15.40 4.07 -0.45
CA SER E 69 -15.16 3.74 0.94
C SER E 69 -13.77 4.20 1.36
N SER E 70 -13.51 4.15 2.66
CA SER E 70 -12.21 4.53 3.17
C SER E 70 -11.79 3.58 4.29
N ILE E 71 -10.49 3.33 4.35
CA ILE E 71 -9.88 2.63 5.48
C ILE E 71 -8.72 3.49 5.98
N ASP E 72 -8.80 3.90 7.24
CA ASP E 72 -7.74 4.64 7.92
C ASP E 72 -7.28 3.80 9.12
N LEU E 73 -6.01 3.43 9.11
CA LEU E 73 -5.38 2.69 10.19
C LEU E 73 -4.14 3.45 10.64
N THR E 74 -4.03 3.70 11.94
CA THR E 74 -2.86 4.35 12.50
C THR E 74 -2.30 3.51 13.62
N GLN E 75 -1.09 2.98 13.43
CA GLN E 75 -0.40 2.20 14.46
C GLN E 75 0.83 2.98 14.89
N ARG E 76 0.87 3.37 16.17
CA ARG E 76 1.99 4.11 16.73
C ARG E 76 2.44 3.40 17.98
N GLY E 77 3.64 2.84 17.95
CA GLY E 77 4.16 2.07 19.08
C GLY E 77 4.89 0.82 18.65
N PHE E 78 4.68 -0.29 19.36
CA PHE E 78 5.34 -1.55 19.05
C PHE E 78 4.38 -2.73 19.20
N GLY E 79 4.56 -3.74 18.35
CA GLY E 79 3.86 -5.00 18.47
C GLY E 79 2.37 -4.96 18.29
N ASN E 80 1.84 -3.87 17.73
CA ASN E 80 0.40 -3.74 17.54
C ASN E 80 -0.06 -4.52 16.33
N SER E 81 -1.26 -5.12 16.44
CA SER E 81 -1.83 -5.91 15.37
C SER E 81 -3.30 -5.55 15.19
N ALA E 82 -3.71 -5.35 13.94
CA ALA E 82 -5.13 -5.18 13.63
C ALA E 82 -5.41 -5.81 12.28
N THR E 83 -6.48 -6.60 12.20
CA THR E 83 -6.88 -7.27 10.97
C THR E 83 -8.21 -6.68 10.51
N LEU E 84 -8.22 -6.08 9.33
CA LEU E 84 -9.31 -5.23 8.88
C LEU E 84 -9.79 -5.72 7.52
N ASP E 85 -11.11 -5.84 7.37
CA ASP E 85 -11.71 -6.24 6.10
C ASP E 85 -12.95 -5.39 5.83
N GLN E 86 -12.96 -4.69 4.72
CA GLN E 86 -14.11 -3.91 4.26
C GLN E 86 -14.52 -4.47 2.90
N TRP E 87 -15.61 -5.21 2.86
CA TRP E 87 -16.05 -5.91 1.67
C TRP E 87 -17.50 -5.61 1.35
N ASN E 88 -17.79 -5.44 0.06
CA ASN E 88 -19.14 -5.38 -0.50
C ASN E 88 -19.95 -4.17 -0.01
N GLY E 89 -19.36 -3.30 0.81
CA GLY E 89 -20.07 -2.12 1.27
C GLY E 89 -19.96 -0.97 0.29
N LYS E 90 -20.75 0.07 0.56
CA LYS E 90 -20.65 1.32 -0.17
C LYS E 90 -20.77 2.48 0.80
N ASN E 91 -20.01 3.55 0.52
CA ASN E 91 -20.02 4.76 1.34
C ASN E 91 -19.73 4.45 2.81
N SER E 92 -18.67 3.66 3.02
CA SER E 92 -18.35 3.11 4.33
C SER E 92 -16.99 3.64 4.78
N GLU E 93 -16.88 4.00 6.06
CA GLU E 93 -15.65 4.51 6.64
C GLU E 93 -15.26 3.62 7.81
N MET E 94 -14.01 3.17 7.83
CA MET E 94 -13.49 2.33 8.90
C MET E 94 -12.24 3.00 9.45
N THR E 95 -12.21 3.22 10.77
CA THR E 95 -11.09 3.87 11.43
C THR E 95 -10.57 3.00 12.56
N VAL E 96 -9.26 2.80 12.59
CA VAL E 96 -8.58 2.11 13.68
C VAL E 96 -7.36 2.94 14.07
N LYS E 97 -7.21 3.22 15.35
CA LYS E 97 -6.04 3.93 15.86
C LYS E 97 -5.45 3.16 17.02
N GLN E 98 -4.26 2.58 16.82
CA GLN E 98 -3.57 1.81 17.86
C GLN E 98 -2.44 2.67 18.41
N PHE E 99 -2.48 2.91 19.71
CA PHE E 99 -1.41 3.61 20.42
C PHE E 99 -0.91 2.72 21.55
N GLY E 100 0.40 2.51 21.60
CA GLY E 100 0.98 1.70 22.65
C GLY E 100 1.62 0.42 22.17
N GLY E 101 1.51 -0.65 22.94
CA GLY E 101 2.19 -1.88 22.61
C GLY E 101 1.34 -3.14 22.64
N GLY E 102 1.45 -3.97 21.61
CA GLY E 102 0.78 -5.26 21.61
C GLY E 102 -0.72 -5.22 21.51
N ASN E 103 -1.28 -4.17 20.91
CA ASN E 103 -2.72 -4.01 20.84
C ASN E 103 -3.31 -4.76 19.65
N GLY E 104 -4.48 -5.36 19.86
CA GLY E 104 -5.16 -6.09 18.81
C GLY E 104 -6.60 -5.68 18.56
N ALA E 105 -6.95 -5.36 17.32
CA ALA E 105 -8.33 -5.11 16.95
C ALA E 105 -8.65 -5.81 15.64
N ALA E 106 -9.73 -6.58 15.62
CA ALA E 106 -10.14 -7.33 14.42
C ALA E 106 -11.53 -6.86 14.03
N VAL E 107 -11.65 -6.30 12.84
CA VAL E 107 -12.87 -5.63 12.40
C VAL E 107 -13.22 -6.08 10.99
N ASP E 108 -14.46 -6.55 10.81
CA ASP E 108 -15.01 -6.83 9.49
C ASP E 108 -16.21 -5.92 9.26
N GLN E 109 -16.20 -5.20 8.14
CA GLN E 109 -17.26 -4.24 7.82
C GLN E 109 -17.80 -4.57 6.44
N THR E 110 -19.08 -4.93 6.37
CA THR E 110 -19.76 -5.16 5.11
C THR E 110 -20.95 -4.23 4.88
N ALA E 111 -21.45 -3.58 5.93
CA ALA E 111 -22.61 -2.71 5.79
C ALA E 111 -22.28 -1.49 4.96
N SER E 112 -23.29 -1.00 4.23
CA SER E 112 -23.15 0.22 3.45
C SER E 112 -23.58 1.43 4.27
N ASN E 113 -22.99 2.58 3.95
CA ASN E 113 -23.30 3.84 4.62
C ASN E 113 -23.08 3.74 6.13
N SER E 114 -22.04 3.02 6.53
CA SER E 114 -21.78 2.74 7.94
C SER E 114 -20.34 3.04 8.29
N SER E 115 -20.09 3.29 9.57
CA SER E 115 -18.77 3.68 10.07
C SER E 115 -18.40 2.83 11.29
N VAL E 116 -17.14 2.40 11.34
CA VAL E 116 -16.59 1.66 12.48
C VAL E 116 -15.43 2.46 13.04
N ASN E 117 -15.43 2.64 14.37
CA ASN E 117 -14.34 3.33 15.06
C ASN E 117 -13.75 2.39 16.11
N VAL E 118 -12.44 2.15 16.01
CA VAL E 118 -11.69 1.39 17.01
C VAL E 118 -10.61 2.31 17.54
N THR E 119 -10.51 2.40 18.86
CA THR E 119 -9.45 3.20 19.49
C THR E 119 -8.84 2.39 20.62
N GLN E 120 -7.57 2.02 20.48
CA GLN E 120 -6.84 1.28 21.50
C GLN E 120 -5.70 2.15 21.99
N CYS E 121 -5.62 2.31 23.31
CA CYS E 121 -4.48 2.94 23.95
C CYS E 121 -4.00 2.02 25.06
N GLY E 122 -2.69 1.81 25.13
CA GLY E 122 -2.11 1.00 26.19
C GLY E 122 -1.44 -0.26 25.70
N PHE E 123 -1.43 -1.29 26.54
CA PHE E 123 -0.69 -2.51 26.27
C PHE E 123 -1.62 -3.73 26.37
N GLY E 124 -1.57 -4.56 25.33
CA GLY E 124 -2.34 -5.79 25.32
C GLY E 124 -3.83 -5.62 25.16
N ASN E 125 -4.28 -4.48 24.64
CA ASN E 125 -5.70 -4.25 24.43
C ASN E 125 -6.19 -5.07 23.23
N ASN E 126 -7.38 -5.65 23.37
CA ASN E 126 -8.00 -6.42 22.30
C ASN E 126 -9.46 -6.01 22.19
N ALA E 127 -9.88 -5.51 21.02
CA ALA E 127 -11.25 -5.14 20.78
C ALA E 127 -11.67 -5.57 19.37
N THR E 128 -12.80 -6.26 19.26
CA THR E 128 -13.26 -6.83 18.01
C THR E 128 -14.59 -6.21 17.62
N ALA E 129 -14.72 -5.85 16.34
CA ALA E 129 -15.93 -5.22 15.83
C ALA E 129 -16.38 -5.92 14.57
N HIS E 130 -17.67 -6.19 14.47
CA HIS E 130 -18.29 -6.70 13.25
C HIS E 130 -19.51 -5.85 12.94
N GLN E 131 -19.65 -5.46 11.67
CA GLN E 131 -20.76 -4.61 11.24
C GLN E 131 -21.26 -5.15 9.91
N TYR E 132 -22.52 -5.59 9.88
CA TYR E 132 -23.10 -6.20 8.68
C TYR E 132 -24.28 -5.40 8.14
N PRO F 22 -28.89 5.65 6.66
CA PRO F 22 -28.84 5.50 8.12
C PRO F 22 -27.48 5.89 8.69
N ASN F 23 -27.42 7.03 9.36
CA ASN F 23 -26.18 7.49 9.99
C ASN F 23 -26.02 6.78 11.32
N SER F 24 -25.27 5.69 11.32
CA SER F 24 -25.00 4.92 12.52
C SER F 24 -23.52 5.01 12.81
N GLU F 25 -23.17 5.59 13.97
CA GLU F 25 -21.79 5.88 14.32
C GLU F 25 -21.51 5.28 15.69
N LEU F 26 -20.46 4.47 15.78
CA LEU F 26 -20.10 3.78 17.01
C LEU F 26 -18.70 4.24 17.43
N ASN F 27 -18.56 4.68 18.67
CA ASN F 27 -17.30 5.21 19.19
C ASN F 27 -16.85 4.38 20.38
N ILE F 28 -15.55 4.11 20.45
CA ILE F 28 -14.92 3.55 21.62
C ILE F 28 -13.71 4.43 21.94
N TYR F 29 -13.63 4.91 23.17
CA TYR F 29 -12.49 5.67 23.66
C TYR F 29 -11.90 4.99 24.89
N GLN F 30 -10.62 4.65 24.82
CA GLN F 30 -9.92 3.96 25.89
C GLN F 30 -8.70 4.79 26.28
N TYR F 31 -8.56 5.08 27.57
CA TYR F 31 -7.40 5.82 28.08
C TYR F 31 -6.76 5.02 29.19
N GLY F 32 -5.47 4.76 29.07
CA GLY F 32 -4.76 3.93 30.03
C GLY F 32 -4.30 2.62 29.44
N GLY F 33 -4.33 1.55 30.22
CA GLY F 33 -3.92 0.25 29.71
C GLY F 33 -4.74 -0.91 30.22
N GLY F 34 -4.96 -1.91 29.37
CA GLY F 34 -5.66 -3.12 29.76
C GLY F 34 -7.16 -3.06 29.73
N ASN F 35 -7.76 -2.01 29.17
CA ASN F 35 -9.21 -1.93 29.06
C ASN F 35 -9.71 -2.81 27.91
N SER F 36 -10.91 -3.39 28.11
CA SER F 36 -11.52 -4.28 27.14
C SER F 36 -12.98 -3.89 26.93
N ALA F 37 -13.41 -3.85 25.68
CA ALA F 37 -14.78 -3.50 25.35
C ALA F 37 -15.20 -4.20 24.08
N LEU F 38 -16.43 -4.70 24.05
CA LEU F 38 -17.00 -5.28 22.84
C LEU F 38 -18.25 -4.49 22.45
N ALA F 39 -18.32 -4.06 21.19
CA ALA F 39 -19.45 -3.29 20.70
C ALA F 39 -19.93 -3.86 19.37
N LEU F 40 -21.25 -3.97 19.23
CA LEU F 40 -21.87 -4.53 18.03
C LEU F 40 -23.04 -3.63 17.62
N GLN F 41 -23.03 -3.18 16.37
CA GLN F 41 -24.10 -2.34 15.83
C GLN F 41 -24.64 -2.99 14.57
N THR F 42 -25.90 -3.41 14.60
CA THR F 42 -26.56 -4.01 13.45
C THR F 42 -28.01 -3.60 13.40
N ASP F 43 -28.51 -3.37 12.18
CA ASP F 43 -29.92 -3.02 11.93
C ASP F 43 -30.33 -1.78 12.73
N CYS F 44 -29.35 -1.00 13.16
CA CYS F 44 -29.56 0.06 14.16
C CYS F 44 -29.37 1.39 13.45
N ARG F 45 -30.48 1.97 13.00
CA ARG F 45 -30.42 3.15 12.15
C ARG F 45 -30.42 4.45 12.94
N ASN F 46 -29.68 5.43 12.44
CA ASN F 46 -29.66 6.79 12.98
C ASN F 46 -29.42 6.74 14.49
N SER F 47 -28.36 6.04 14.87
CA SER F 47 -28.05 5.80 16.27
C SER F 47 -26.57 6.05 16.54
N ASP F 48 -26.27 6.34 17.79
CA ASP F 48 -24.91 6.55 18.26
C ASP F 48 -24.58 5.54 19.33
N LEU F 49 -23.39 4.96 19.24
CA LEU F 49 -22.87 4.02 20.23
C LEU F 49 -21.53 4.54 20.73
N THR F 50 -21.48 4.97 21.99
CA THR F 50 -20.28 5.55 22.56
C THR F 50 -19.90 4.80 23.83
N ILE F 51 -18.64 4.42 23.93
CA ILE F 51 -18.10 3.78 25.13
C ILE F 51 -16.85 4.56 25.52
N THR F 52 -16.78 4.96 26.79
CA THR F 52 -15.64 5.71 27.29
C THR F 52 -15.06 4.96 28.49
N GLN F 53 -13.81 4.52 28.37
CA GLN F 53 -13.12 3.82 29.45
C GLN F 53 -11.86 4.59 29.80
N HIS F 54 -11.78 5.05 31.05
CA HIS F 54 -10.59 5.73 31.55
C HIS F 54 -10.01 4.92 32.70
N GLY F 55 -8.71 4.66 32.65
CA GLY F 55 -8.06 3.88 33.67
C GLY F 55 -7.48 2.57 33.16
N GLY F 56 -7.77 1.47 33.85
CA GLY F 56 -7.24 0.18 33.45
C GLY F 56 -8.14 -1.00 33.75
N GLY F 57 -8.09 -2.02 32.90
CA GLY F 57 -8.77 -3.27 33.18
C GLY F 57 -10.28 -3.23 33.11
N ASN F 58 -10.85 -2.20 32.50
CA ASN F 58 -12.30 -2.09 32.43
C ASN F 58 -12.84 -3.01 31.33
N GLY F 59 -13.92 -3.70 31.64
CA GLY F 59 -14.52 -4.67 30.72
C GLY F 59 -15.97 -4.31 30.42
N ALA F 60 -16.31 -4.28 29.13
CA ALA F 60 -17.62 -3.84 28.70
C ALA F 60 -18.08 -4.63 27.49
N ASP F 61 -19.36 -5.00 27.48
CA ASP F 61 -20.00 -5.66 26.36
C ASP F 61 -21.31 -4.93 26.07
N VAL F 62 -21.39 -4.29 24.91
CA VAL F 62 -22.54 -3.46 24.57
C VAL F 62 -23.03 -3.83 23.17
N GLY F 63 -24.28 -4.23 23.07
CA GLY F 63 -24.92 -4.53 21.79
C GLY F 63 -26.11 -3.59 21.57
N GLN F 64 -26.16 -3.02 20.37
CA GLN F 64 -27.20 -2.03 20.05
C GLN F 64 -27.84 -2.36 18.72
N GLY F 65 -29.14 -2.63 18.75
CA GLY F 65 -29.90 -2.87 17.54
C GLY F 65 -31.21 -2.11 17.48
N SER F 66 -31.25 -0.89 18.00
CA SER F 66 -32.50 -0.14 18.13
C SER F 66 -32.43 1.17 17.36
N ASP F 67 -33.49 1.46 16.61
CA ASP F 67 -33.47 2.64 15.75
C ASP F 67 -33.65 3.92 16.56
N ASP F 68 -32.97 4.98 16.11
CA ASP F 68 -33.01 6.30 16.74
C ASP F 68 -32.73 6.22 18.23
N SER F 69 -31.70 5.44 18.59
CA SER F 69 -31.38 5.15 19.99
C SER F 69 -29.94 5.51 20.28
N SER F 70 -29.61 5.60 21.57
CA SER F 70 -28.24 5.90 21.98
C SER F 70 -27.88 5.11 23.23
N ILE F 71 -26.63 4.67 23.27
CA ILE F 71 -26.04 4.03 24.45
C ILE F 71 -24.78 4.81 24.83
N ASP F 72 -24.73 5.29 26.07
CA ASP F 72 -23.57 5.99 26.59
C ASP F 72 -23.06 5.24 27.82
N LEU F 73 -21.87 4.68 27.70
CA LEU F 73 -21.22 3.93 28.78
C LEU F 73 -19.94 4.64 29.16
N THR F 74 -19.82 5.03 30.43
CA THR F 74 -18.63 5.69 30.93
C THR F 74 -18.07 4.89 32.10
N GLN F 75 -16.83 4.44 31.96
CA GLN F 75 -16.14 3.71 33.02
C GLN F 75 -14.83 4.44 33.34
N ARG F 76 -14.73 4.96 34.55
CA ARG F 76 -13.55 5.70 34.99
C ARG F 76 -13.03 5.05 36.27
N GLY F 77 -11.83 4.50 36.20
CA GLY F 77 -11.26 3.79 37.33
C GLY F 77 -10.55 2.51 36.90
N PHE F 78 -10.80 1.41 37.61
CA PHE F 78 -10.18 0.14 37.31
C PHE F 78 -11.16 -1.02 37.53
N GLY F 79 -11.06 -2.03 36.67
CA GLY F 79 -11.76 -3.28 36.89
C GLY F 79 -13.26 -3.23 36.83
N ASN F 80 -13.83 -2.23 36.17
CA ASN F 80 -15.28 -2.11 36.08
C ASN F 80 -15.82 -3.03 34.99
N SER F 81 -17.00 -3.60 35.24
CA SER F 81 -17.64 -4.52 34.31
C SER F 81 -19.10 -4.14 34.11
N ALA F 82 -19.53 -4.09 32.84
CA ALA F 82 -20.91 -3.73 32.53
C ALA F 82 -21.34 -4.43 31.24
N THR F 83 -22.58 -4.89 31.22
CA THR F 83 -23.17 -5.53 30.05
C THR F 83 -24.41 -4.75 29.65
N LEU F 84 -24.43 -4.26 28.42
CA LEU F 84 -25.51 -3.39 27.94
C LEU F 84 -26.05 -3.92 26.63
N ASP F 85 -27.38 -4.05 26.54
CA ASP F 85 -28.03 -4.57 25.35
C ASP F 85 -29.21 -3.67 25.01
N GLN F 86 -29.19 -3.07 23.82
CA GLN F 86 -30.29 -2.26 23.32
C GLN F 86 -30.80 -2.93 22.04
N TRP F 87 -31.95 -3.60 22.13
CA TRP F 87 -32.49 -4.33 21.00
C TRP F 87 -33.96 -3.98 20.80
N ASN F 88 -34.37 -3.87 19.55
CA ASN F 88 -35.76 -3.77 19.11
C ASN F 88 -36.45 -2.48 19.57
N GLY F 89 -35.73 -1.60 20.25
CA GLY F 89 -36.34 -0.36 20.71
C GLY F 89 -36.32 0.74 19.67
N LYS F 90 -37.05 1.81 19.98
CA LYS F 90 -37.01 3.04 19.20
C LYS F 90 -37.01 4.23 20.14
N ASN F 91 -36.21 5.23 19.80
CA ASN F 91 -36.12 6.48 20.57
C ASN F 91 -35.80 6.21 22.04
N SER F 92 -34.81 5.36 22.27
CA SER F 92 -34.40 4.97 23.61
C SER F 92 -32.96 5.43 23.86
N GLU F 93 -32.69 5.84 25.09
CA GLU F 93 -31.38 6.30 25.51
C GLU F 93 -30.87 5.42 26.62
N MET F 94 -29.60 5.03 26.54
CA MET F 94 -28.99 4.11 27.51
C MET F 94 -27.76 4.79 28.09
N THR F 95 -27.77 5.02 29.40
CA THR F 95 -26.65 5.67 30.08
C THR F 95 -26.21 4.85 31.28
N VAL F 96 -24.91 4.57 31.36
CA VAL F 96 -24.29 3.93 32.52
C VAL F 96 -23.04 4.70 32.87
N LYS F 97 -22.89 5.08 34.13
CA LYS F 97 -21.67 5.72 34.61
C LYS F 97 -21.13 4.94 35.81
N GLN F 98 -19.93 4.39 35.66
CA GLN F 98 -19.28 3.61 36.71
C GLN F 98 -18.01 4.36 37.10
N PHE F 99 -17.96 4.83 38.34
CA PHE F 99 -16.79 5.53 38.87
C PHE F 99 -16.23 4.73 40.04
N GLY F 100 -14.93 4.46 40.00
CA GLY F 100 -14.28 3.71 41.06
C GLY F 100 -13.70 2.39 40.59
N GLY F 101 -13.85 1.34 41.39
CA GLY F 101 -13.26 0.07 41.06
C GLY F 101 -14.19 -1.13 41.20
N GLY F 102 -14.13 -2.06 40.25
CA GLY F 102 -14.83 -3.32 40.38
C GLY F 102 -16.34 -3.22 40.32
N ASN F 103 -16.88 -2.21 39.64
CA ASN F 103 -18.32 -2.03 39.57
C ASN F 103 -18.93 -2.91 38.49
N GLY F 104 -20.04 -3.57 38.82
CA GLY F 104 -20.67 -4.47 37.87
C GLY F 104 -22.13 -4.18 37.58
N ALA F 105 -22.48 -3.85 36.35
CA ALA F 105 -23.85 -3.47 36.01
C ALA F 105 -24.31 -4.26 34.80
N ALA F 106 -25.55 -4.75 34.85
CA ALA F 106 -26.16 -5.47 33.73
C ALA F 106 -27.50 -4.82 33.41
N VAL F 107 -27.65 -4.35 32.18
CA VAL F 107 -28.85 -3.60 31.78
C VAL F 107 -29.32 -4.10 30.42
N ASP F 108 -30.60 -4.43 30.33
CA ASP F 108 -31.26 -4.74 29.07
C ASP F 108 -32.39 -3.75 28.83
N GLN F 109 -32.42 -3.16 27.64
CA GLN F 109 -33.48 -2.23 27.24
C GLN F 109 -34.10 -2.69 25.92
N THR F 110 -35.41 -2.94 25.94
CA THR F 110 -36.15 -3.27 24.73
C THR F 110 -37.30 -2.31 24.46
N ALA F 111 -37.82 -1.63 25.47
CA ALA F 111 -38.97 -0.75 25.28
C ALA F 111 -38.59 0.47 24.45
N SER F 112 -39.56 0.98 23.71
CA SER F 112 -39.37 2.17 22.90
C SER F 112 -39.66 3.42 23.73
N ASN F 113 -39.00 4.52 23.36
CA ASN F 113 -39.20 5.82 24.01
C ASN F 113 -38.95 5.73 25.51
N SER F 114 -37.89 5.00 25.90
CA SER F 114 -37.58 4.75 27.30
C SER F 114 -36.13 5.11 27.58
N SER F 115 -35.84 5.38 28.85
CA SER F 115 -34.50 5.77 29.28
C SER F 115 -34.11 4.99 30.53
N VAL F 116 -32.90 4.42 30.52
CA VAL F 116 -32.34 3.72 31.66
C VAL F 116 -31.05 4.42 32.06
N ASN F 117 -30.94 4.76 33.34
CA ASN F 117 -29.78 5.51 33.85
C ASN F 117 -29.22 4.75 35.04
N VAL F 118 -27.96 4.36 34.95
CA VAL F 118 -27.28 3.67 36.05
C VAL F 118 -26.04 4.47 36.40
N THR F 119 -25.87 4.77 37.69
CA THR F 119 -24.65 5.41 38.19
C THR F 119 -24.11 4.61 39.35
N GLN F 120 -22.86 4.17 39.25
CA GLN F 120 -22.20 3.44 40.33
C GLN F 120 -20.96 4.21 40.74
N CYS F 121 -20.85 4.51 42.03
CA CYS F 121 -19.70 5.20 42.59
C CYS F 121 -19.15 4.38 43.74
N GLY F 122 -17.83 4.17 43.74
CA GLY F 122 -17.20 3.42 44.80
C GLY F 122 -16.61 2.11 44.34
N PHE F 123 -16.65 1.09 45.19
CA PHE F 123 -16.01 -0.19 44.93
C PHE F 123 -17.03 -1.31 45.08
N GLY F 124 -16.97 -2.29 44.19
CA GLY F 124 -17.75 -3.50 44.33
C GLY F 124 -19.23 -3.32 44.12
N ASN F 125 -19.65 -2.26 43.45
CA ASN F 125 -21.07 -2.03 43.23
C ASN F 125 -21.59 -2.98 42.16
N ASN F 126 -22.80 -3.51 42.38
CA ASN F 126 -23.49 -4.28 41.35
C ASN F 126 -24.91 -3.75 41.17
N ALA F 127 -25.35 -3.68 39.92
CA ALA F 127 -26.65 -3.12 39.58
C ALA F 127 -27.21 -3.86 38.38
N THR F 128 -28.48 -4.21 38.46
CA THR F 128 -29.19 -4.81 37.34
C THR F 128 -30.46 -4.05 37.05
N ALA F 129 -30.68 -3.71 35.79
CA ALA F 129 -31.84 -2.94 35.37
C ALA F 129 -32.39 -3.54 34.08
N HIS F 130 -33.71 -3.65 33.99
CA HIS F 130 -34.38 -4.19 32.81
C HIS F 130 -35.53 -3.29 32.44
N GLN F 131 -35.70 -3.07 31.13
CA GLN F 131 -36.78 -2.28 30.57
C GLN F 131 -37.35 -3.02 29.37
N TYR F 132 -38.63 -3.35 29.42
CA TYR F 132 -39.25 -4.06 28.31
C TYR F 132 -40.47 -3.34 27.74
N PRO G 22 -43.55 7.29 26.53
CA PRO G 22 -43.54 7.12 27.99
C PRO G 22 -42.18 7.42 28.62
N ASN G 23 -42.06 8.59 29.24
CA ASN G 23 -40.79 9.01 29.85
C ASN G 23 -40.63 8.29 31.18
N SER G 24 -39.92 7.16 31.16
CA SER G 24 -39.69 6.39 32.37
C SER G 24 -38.20 6.18 32.57
N GLU G 25 -37.73 6.52 33.77
CA GLU G 25 -36.31 6.49 34.11
C GLU G 25 -36.13 5.68 35.38
N LEU G 26 -35.00 4.97 35.48
CA LEU G 26 -34.58 4.33 36.70
C LEU G 26 -33.25 4.95 37.12
N ASN G 27 -33.15 5.34 38.38
CA ASN G 27 -31.90 5.85 38.93
C ASN G 27 -31.48 4.99 40.10
N ILE G 28 -30.20 4.61 40.12
CA ILE G 28 -29.62 3.89 41.23
C ILE G 28 -28.36 4.63 41.64
N TYR G 29 -28.29 5.02 42.91
CA TYR G 29 -27.13 5.71 43.46
C TYR G 29 -26.61 4.91 44.65
N GLN G 30 -25.37 4.42 44.55
CA GLN G 30 -24.76 3.63 45.61
C GLN G 30 -23.43 4.28 46.00
N TYR G 31 -23.27 4.55 47.30
CA TYR G 31 -22.06 5.17 47.82
C TYR G 31 -21.51 4.32 48.94
N GLY G 32 -20.22 3.98 48.85
CA GLY G 32 -19.61 3.08 49.81
C GLY G 32 -19.21 1.77 49.18
N GLY G 33 -19.34 0.67 49.93
CA GLY G 33 -19.00 -0.63 49.39
C GLY G 33 -19.90 -1.74 49.89
N GLY G 34 -20.14 -2.73 49.04
CA GLY G 34 -20.94 -3.88 49.42
C GLY G 34 -22.44 -3.71 49.35
N ASN G 35 -22.92 -2.60 48.81
CA ASN G 35 -24.36 -2.42 48.62
C ASN G 35 -24.83 -3.21 47.39
N SER G 36 -26.03 -3.75 47.48
CA SER G 36 -26.63 -4.51 46.39
C SER G 36 -28.06 -4.04 46.17
N ALA G 37 -28.41 -3.77 44.91
CA ALA G 37 -29.74 -3.31 44.57
C ALA G 37 -30.17 -3.93 43.24
N LEU G 38 -31.37 -4.49 43.23
CA LEU G 38 -31.97 -5.08 42.04
C LEU G 38 -33.26 -4.34 41.73
N ALA G 39 -33.39 -3.87 40.48
CA ALA G 39 -34.56 -3.09 40.08
C ALA G 39 -35.07 -3.54 38.72
N LEU G 40 -36.39 -3.73 38.62
CA LEU G 40 -37.05 -4.04 37.35
C LEU G 40 -38.19 -3.06 37.15
N GLN G 41 -38.27 -2.48 35.95
CA GLN G 41 -39.41 -1.68 35.53
C GLN G 41 -39.90 -2.19 34.17
N THR G 42 -41.19 -2.52 34.09
CA THR G 42 -41.81 -3.08 32.90
C THR G 42 -43.23 -2.54 32.77
N ASP G 43 -43.71 -2.41 31.53
CA ASP G 43 -45.08 -1.98 31.19
C ASP G 43 -45.45 -0.65 31.85
N CYS G 44 -44.44 0.06 32.34
CA CYS G 44 -44.62 1.13 33.33
C CYS G 44 -44.30 2.46 32.67
N ARG G 45 -45.34 3.23 32.37
CA ARG G 45 -45.20 4.48 31.65
C ARG G 45 -45.12 5.68 32.59
N ASN G 46 -44.30 6.67 32.21
CA ASN G 46 -44.25 7.98 32.86
C ASN G 46 -43.97 7.85 34.36
N SER G 47 -43.06 6.97 34.72
CA SER G 47 -42.90 6.58 36.11
C SER G 47 -41.44 6.62 36.53
N ASP G 48 -41.23 6.71 37.84
CA ASP G 48 -39.90 6.88 38.42
C ASP G 48 -39.58 5.73 39.36
N LEU G 49 -38.30 5.35 39.41
CA LEU G 49 -37.76 4.58 40.52
C LEU G 49 -36.41 5.17 40.88
N THR G 50 -36.22 5.54 42.15
CA THR G 50 -34.93 6.02 42.64
C THR G 50 -34.48 5.16 43.80
N ILE G 51 -33.25 4.64 43.71
CA ILE G 51 -32.65 3.88 44.79
C ILE G 51 -31.37 4.60 45.19
N THR G 52 -31.28 4.99 46.45
CA THR G 52 -30.11 5.69 46.97
C THR G 52 -29.61 4.92 48.19
N GLN G 53 -28.42 4.33 48.08
CA GLN G 53 -27.85 3.53 49.15
C GLN G 53 -26.58 4.20 49.65
N HIS G 54 -26.55 4.55 50.93
CA HIS G 54 -25.39 5.13 51.58
C HIS G 54 -24.89 4.18 52.66
N GLY G 55 -23.59 3.88 52.61
CA GLY G 55 -22.99 2.99 53.59
C GLY G 55 -22.50 1.69 52.99
N GLY G 56 -22.84 0.57 53.62
CA GLY G 56 -22.39 -0.72 53.15
C GLY G 56 -23.32 -1.87 53.47
N GLY G 57 -23.36 -2.86 52.59
CA GLY G 57 -24.13 -4.06 52.84
C GLY G 57 -25.63 -3.91 52.74
N ASN G 58 -26.12 -2.82 52.15
CA ASN G 58 -27.55 -2.63 51.98
C ASN G 58 -28.05 -3.43 50.79
N GLY G 59 -29.18 -4.09 50.97
CA GLY G 59 -29.79 -4.91 49.93
C GLY G 59 -31.17 -4.41 49.59
N ALA G 60 -31.44 -4.29 48.29
CA ALA G 60 -32.70 -3.73 47.82
C ALA G 60 -33.20 -4.50 46.62
N ASP G 61 -34.49 -4.82 46.63
CA ASP G 61 -35.18 -5.47 45.50
C ASP G 61 -36.44 -4.67 45.25
N VAL G 62 -36.53 -4.05 44.07
CA VAL G 62 -37.63 -3.15 43.75
C VAL G 62 -38.16 -3.51 42.37
N GLY G 63 -39.44 -3.87 42.30
CA GLY G 63 -40.12 -4.15 41.05
C GLY G 63 -41.31 -3.22 40.87
N GLN G 64 -41.41 -2.60 39.70
CA GLN G 64 -42.48 -1.63 39.44
C GLN G 64 -43.18 -2.01 38.15
N GLY G 65 -44.52 -2.03 38.19
CA GLY G 65 -45.36 -2.16 37.01
C GLY G 65 -46.56 -1.22 36.95
N SER G 66 -46.42 0.00 37.49
CA SER G 66 -47.57 0.89 37.68
C SER G 66 -47.36 2.22 36.97
N ASP G 67 -48.36 2.63 36.19
CA ASP G 67 -48.24 3.82 35.35
C ASP G 67 -48.22 5.08 36.20
N ASP G 68 -47.46 6.07 35.71
CA ASP G 68 -47.30 7.39 36.32
C ASP G 68 -47.15 7.31 37.85
N SER G 69 -46.33 6.35 38.29
CA SER G 69 -46.11 6.04 39.69
C SER G 69 -44.66 6.30 40.04
N SER G 70 -44.37 6.36 41.33
CA SER G 70 -43.02 6.66 41.78
C SER G 70 -42.63 5.73 42.93
N ILE G 71 -41.36 5.30 42.92
CA ILE G 71 -40.78 4.53 44.01
C ILE G 71 -39.53 5.24 44.46
N ASP G 72 -39.47 5.59 45.74
CA ASP G 72 -38.30 6.25 46.33
C ASP G 72 -37.81 5.39 47.50
N LEU G 73 -36.62 4.82 47.35
CA LEU G 73 -35.99 4.02 48.39
C LEU G 73 -34.67 4.68 48.77
N THR G 74 -34.52 5.02 50.05
CA THR G 74 -33.29 5.60 50.58
C THR G 74 -32.79 4.74 51.72
N GLN G 75 -31.61 4.16 51.56
CA GLN G 75 -30.98 3.35 52.60
C GLN G 75 -29.68 4.01 53.00
N ARG G 76 -29.61 4.43 54.27
CA ARG G 76 -28.42 5.07 54.82
C ARG G 76 -28.00 4.28 56.06
N GLY G 77 -26.85 3.64 55.98
CA GLY G 77 -26.37 2.81 57.08
C GLY G 77 -25.75 1.51 56.61
N PHE G 78 -26.01 0.42 57.34
CA PHE G 78 -25.44 -0.88 57.01
C PHE G 78 -26.48 -1.98 57.20
N GLY G 79 -26.39 -2.99 56.32
CA GLY G 79 -27.20 -4.19 56.47
C GLY G 79 -28.70 -4.01 56.33
N ASN G 80 -29.14 -2.90 55.74
CA ASN G 80 -30.56 -2.66 55.54
C ASN G 80 -31.08 -3.48 54.36
N SER G 81 -32.30 -3.98 54.48
CA SER G 81 -32.92 -4.78 53.44
C SER G 81 -34.35 -4.29 53.20
N ALA G 82 -34.71 -4.12 51.93
CA ALA G 82 -36.05 -3.64 51.58
C ALA G 82 -36.53 -4.32 50.31
N THR G 83 -37.78 -4.75 50.30
CA THR G 83 -38.41 -5.36 49.14
C THR G 83 -39.66 -4.56 48.78
N LEU G 84 -39.71 -4.04 47.56
CA LEU G 84 -40.71 -3.05 47.15
C LEU G 84 -41.34 -3.47 45.83
N ASP G 85 -42.67 -3.46 45.77
CA ASP G 85 -43.39 -3.88 44.57
C ASP G 85 -44.56 -2.93 44.26
N GLN G 86 -44.51 -2.34 43.07
CA GLN G 86 -45.64 -1.67 42.43
C GLN G 86 -46.06 -2.52 41.24
N TRP G 87 -47.31 -2.95 41.24
CA TRP G 87 -47.89 -3.61 40.08
C TRP G 87 -49.33 -3.14 39.92
N ASN G 88 -49.69 -2.80 38.67
CA ASN G 88 -51.04 -2.53 38.22
C ASN G 88 -51.67 -1.27 38.81
N GLY G 89 -50.91 -0.49 39.57
CA GLY G 89 -51.43 0.74 40.13
C GLY G 89 -51.32 1.94 39.20
N LYS G 90 -51.95 3.04 39.60
CA LYS G 90 -51.80 4.31 38.92
C LYS G 90 -51.81 5.46 39.94
N ASN G 91 -51.02 6.49 39.64
CA ASN G 91 -50.90 7.68 40.48
C ASN G 91 -50.49 7.31 41.91
N SER G 92 -49.49 6.45 42.04
CA SER G 92 -49.09 5.92 43.32
C SER G 92 -47.67 6.35 43.65
N GLU G 93 -47.41 6.58 44.94
CA GLU G 93 -46.12 7.04 45.43
C GLU G 93 -45.62 6.13 46.54
N MET G 94 -44.39 5.65 46.43
CA MET G 94 -43.91 4.55 47.24
C MET G 94 -42.58 4.97 47.84
N THR G 95 -42.52 5.12 49.17
CA THR G 95 -41.32 5.62 49.84
C THR G 95 -40.96 4.74 51.03
N VAL G 96 -39.65 4.46 51.19
CA VAL G 96 -39.08 3.92 52.41
C VAL G 96 -37.77 4.65 52.66
N LYS G 97 -37.56 5.12 53.89
CA LYS G 97 -36.29 5.71 54.30
C LYS G 97 -35.75 4.96 55.51
N GLN G 98 -34.69 4.18 55.29
CA GLN G 98 -34.11 3.31 56.31
C GLN G 98 -32.81 3.94 56.77
N PHE G 99 -32.75 4.29 58.05
CA PHE G 99 -31.58 4.89 58.67
C PHE G 99 -31.10 3.97 59.78
N GLY G 100 -29.83 3.62 59.75
CA GLY G 100 -29.26 2.76 60.77
C GLY G 100 -28.82 1.40 60.26
N GLY G 101 -29.03 0.36 61.06
CA GLY G 101 -28.50 -0.95 60.71
C GLY G 101 -29.47 -2.11 60.80
N GLY G 102 -29.44 -2.99 59.79
CA GLY G 102 -30.21 -4.21 59.84
C GLY G 102 -31.72 -4.03 59.73
N ASN G 103 -32.17 -2.96 59.09
CA ASN G 103 -33.60 -2.68 58.99
C ASN G 103 -34.21 -3.48 57.84
N GLY G 104 -35.40 -4.01 58.08
CA GLY G 104 -36.08 -4.79 57.06
C GLY G 104 -37.46 -4.26 56.71
N ALA G 105 -37.70 -3.99 55.42
CA ALA G 105 -38.97 -3.43 54.96
C ALA G 105 -39.47 -4.20 53.75
N ALA G 106 -40.75 -4.53 53.76
CA ALA G 106 -41.41 -5.20 52.63
C ALA G 106 -42.73 -4.51 52.35
N VAL G 107 -42.88 -4.01 51.11
CA VAL G 107 -44.06 -3.23 50.73
C VAL G 107 -44.59 -3.73 49.39
N ASP G 108 -45.87 -4.06 49.34
CA ASP G 108 -46.56 -4.39 48.11
C ASP G 108 -47.71 -3.41 47.90
N GLN G 109 -47.74 -2.79 46.72
CA GLN G 109 -48.74 -1.77 46.40
C GLN G 109 -49.39 -2.12 45.06
N THR G 110 -50.73 -2.23 45.06
CA THR G 110 -51.50 -2.42 43.84
C THR G 110 -52.53 -1.32 43.60
N ALA G 111 -52.95 -0.61 44.64
CA ALA G 111 -54.01 0.38 44.52
C ALA G 111 -53.57 1.56 43.66
N SER G 112 -54.55 2.20 43.03
CA SER G 112 -54.34 3.46 42.33
C SER G 112 -54.53 4.62 43.27
N ASN G 113 -53.80 5.72 43.01
CA ASN G 113 -53.91 6.94 43.80
C ASN G 113 -53.62 6.70 45.28
N SER G 114 -52.55 5.95 45.58
CA SER G 114 -52.23 5.57 46.95
C SER G 114 -50.76 5.82 47.26
N SER G 115 -50.47 6.09 48.54
CA SER G 115 -49.10 6.29 48.99
C SER G 115 -48.88 5.70 50.38
N VAL G 116 -47.81 4.93 50.52
CA VAL G 116 -47.36 4.37 51.78
C VAL G 116 -45.96 4.91 52.08
N ASN G 117 -45.76 5.40 53.30
CA ASN G 117 -44.47 5.94 53.73
C ASN G 117 -43.95 5.07 54.87
N VAL G 118 -42.79 4.47 54.69
CA VAL G 118 -42.17 3.65 55.72
C VAL G 118 -40.87 4.32 56.13
N THR G 119 -40.68 4.52 57.42
CA THR G 119 -39.45 5.15 57.92
C THR G 119 -38.89 4.33 59.07
N GLN G 120 -37.70 3.76 58.86
CA GLN G 120 -37.05 2.95 59.87
C GLN G 120 -35.77 3.65 60.32
N CYS G 121 -35.64 3.87 61.61
CA CYS G 121 -34.43 4.42 62.20
C CYS G 121 -33.99 3.50 63.33
N GLY G 122 -32.71 3.16 63.35
CA GLY G 122 -32.18 2.33 64.41
C GLY G 122 -31.64 0.99 63.96
N PHE G 123 -31.77 -0.02 64.80
CA PHE G 123 -31.20 -1.34 64.56
C PHE G 123 -32.28 -2.41 64.63
N GLY G 124 -32.27 -3.33 63.66
CA GLY G 124 -33.12 -4.50 63.71
C GLY G 124 -34.59 -4.26 63.50
N ASN G 125 -34.94 -3.12 62.89
CA ASN G 125 -36.34 -2.80 62.63
C ASN G 125 -36.89 -3.67 61.50
N ASN G 126 -38.15 -4.10 61.66
CA ASN G 126 -38.85 -4.78 60.58
C ASN G 126 -40.22 -4.12 60.39
N ALA G 127 -40.51 -3.75 59.15
CA ALA G 127 -41.78 -3.10 58.84
C ALA G 127 -42.29 -3.63 57.51
N THR G 128 -43.56 -4.06 57.51
CA THR G 128 -44.19 -4.60 56.32
C THR G 128 -45.45 -3.80 56.00
N ALA G 129 -45.63 -3.47 54.73
CA ALA G 129 -46.75 -2.68 54.27
C ALA G 129 -47.42 -3.38 53.10
N HIS G 130 -48.74 -3.51 53.16
CA HIS G 130 -49.52 -3.98 52.01
C HIS G 130 -50.70 -3.04 51.86
N GLN G 131 -50.95 -2.57 50.64
CA GLN G 131 -52.08 -1.69 50.38
C GLN G 131 -52.64 -2.09 49.03
N TYR G 132 -53.88 -2.57 49.02
CA TYR G 132 -54.52 -3.09 47.81
C TYR G 132 -55.66 -2.19 47.33
N PRO H 22 -57.93 7.29 46.17
CA PRO H 22 -57.98 6.98 47.60
C PRO H 22 -56.66 7.24 48.31
N ASN H 23 -56.51 8.44 48.88
CA ASN H 23 -55.27 8.79 49.58
C ASN H 23 -55.25 8.08 50.93
N SER H 24 -54.64 6.89 50.95
CA SER H 24 -54.51 6.10 52.18
C SER H 24 -53.04 5.91 52.48
N GLU H 25 -52.59 6.42 53.64
CA GLU H 25 -51.17 6.57 53.90
C GLU H 25 -50.84 5.87 55.22
N LEU H 26 -49.86 4.97 55.17
CA LEU H 26 -49.48 4.13 56.30
C LEU H 26 -48.06 4.47 56.70
N ASN H 27 -47.86 4.83 57.96
CA ASN H 27 -46.58 5.34 58.45
C ASN H 27 -46.13 4.51 59.62
N ILE H 28 -44.83 4.19 59.66
CA ILE H 28 -44.23 3.55 60.82
C ILE H 28 -42.99 4.37 61.19
N TYR H 29 -42.89 4.74 62.46
CA TYR H 29 -41.74 5.44 62.99
C TYR H 29 -41.21 4.69 64.20
N GLN H 30 -40.02 4.11 64.07
CA GLN H 30 -39.39 3.34 65.15
C GLN H 30 -38.08 4.00 65.50
N TYR H 31 -37.81 4.16 66.80
CA TYR H 31 -36.57 4.72 67.28
C TYR H 31 -36.02 3.83 68.38
N GLY H 32 -34.74 3.48 68.26
CA GLY H 32 -34.11 2.59 69.23
C GLY H 32 -33.71 1.27 68.61
N GLY H 33 -33.80 0.19 69.37
CA GLY H 33 -33.47 -1.12 68.86
C GLY H 33 -34.38 -2.22 69.37
N GLY H 34 -34.64 -3.21 68.51
CA GLY H 34 -35.48 -4.32 68.90
C GLY H 34 -36.97 -4.09 68.79
N ASN H 35 -37.40 -2.96 68.22
CA ASN H 35 -38.82 -2.75 68.00
C ASN H 35 -39.29 -3.46 66.73
N SER H 36 -40.51 -4.00 66.79
CA SER H 36 -41.12 -4.71 65.67
C SER H 36 -42.53 -4.18 65.44
N ALA H 37 -42.89 -4.02 64.18
CA ALA H 37 -44.22 -3.53 63.82
C ALA H 37 -44.78 -4.37 62.68
N LEU H 38 -46.03 -4.79 62.83
CA LEU H 38 -46.77 -5.48 61.78
C LEU H 38 -48.02 -4.67 61.42
N ALA H 39 -48.07 -4.19 60.18
CA ALA H 39 -49.14 -3.29 59.76
C ALA H 39 -49.72 -3.75 58.43
N LEU H 40 -51.05 -3.68 58.32
CA LEU H 40 -51.77 -4.06 57.11
C LEU H 40 -52.89 -3.06 56.86
N GLN H 41 -52.92 -2.48 55.67
CA GLN H 41 -53.96 -1.53 55.28
C GLN H 41 -54.51 -1.95 53.92
N THR H 42 -55.76 -2.44 53.91
CA THR H 42 -56.36 -3.00 52.71
C THR H 42 -57.81 -2.57 52.62
N ASP H 43 -58.31 -2.43 51.39
CA ASP H 43 -59.67 -1.94 51.08
C ASP H 43 -60.00 -0.66 51.85
N CYS H 44 -58.96 0.05 52.29
CA CYS H 44 -59.09 1.13 53.26
C CYS H 44 -58.77 2.45 52.55
N ARG H 45 -59.81 3.12 52.06
CA ARG H 45 -59.60 4.38 51.35
C ARG H 45 -59.53 5.56 52.31
N ASN H 46 -58.71 6.55 51.93
CA ASN H 46 -58.72 7.88 52.57
C ASN H 46 -58.50 7.77 54.08
N SER H 47 -57.55 6.92 54.46
CA SER H 47 -57.30 6.62 55.86
C SER H 47 -55.81 6.63 56.14
N ASP H 48 -55.45 6.93 57.39
CA ASP H 48 -54.07 7.03 57.81
C ASP H 48 -53.77 5.95 58.84
N LEU H 49 -52.61 5.33 58.71
CA LEU H 49 -52.08 4.35 59.65
C LEU H 49 -50.73 4.85 60.17
N THR H 50 -50.68 5.22 61.44
CA THR H 50 -49.48 5.78 62.04
C THR H 50 -49.09 4.95 63.26
N ILE H 51 -47.86 4.47 63.28
CA ILE H 51 -47.31 3.69 64.40
C ILE H 51 -45.99 4.33 64.80
N THR H 52 -45.86 4.73 66.06
CA THR H 52 -44.67 5.40 66.56
C THR H 52 -44.15 4.64 67.78
N GLN H 53 -42.93 4.10 67.69
CA GLN H 53 -42.29 3.39 68.80
C GLN H 53 -41.04 4.12 69.22
N HIS H 54 -40.94 4.42 70.51
CA HIS H 54 -39.72 4.94 71.11
C HIS H 54 -39.22 3.94 72.14
N GLY H 55 -37.94 3.59 72.06
CA GLY H 55 -37.33 2.69 73.03
C GLY H 55 -36.88 1.36 72.45
N GLY H 56 -37.23 0.26 73.11
CA GLY H 56 -36.77 -1.04 72.68
C GLY H 56 -37.68 -2.21 73.00
N GLY H 57 -37.67 -3.23 72.15
CA GLY H 57 -38.44 -4.43 72.41
C GLY H 57 -39.93 -4.27 72.27
N ASN H 58 -40.39 -3.18 71.68
CA ASN H 58 -41.82 -2.92 71.55
C ASN H 58 -42.38 -3.62 70.32
N GLY H 59 -43.57 -4.19 70.47
CA GLY H 59 -44.22 -4.94 69.40
C GLY H 59 -45.56 -4.33 69.04
N ALA H 60 -45.87 -4.33 67.73
CA ALA H 60 -47.11 -3.76 67.25
C ALA H 60 -47.69 -4.64 66.15
N ASP H 61 -49.01 -4.87 66.21
CA ASP H 61 -49.76 -5.54 65.15
C ASP H 61 -51.03 -4.72 64.92
N VAL H 62 -51.15 -4.12 63.74
CA VAL H 62 -52.27 -3.23 63.42
C VAL H 62 -52.81 -3.58 62.05
N GLY H 63 -54.11 -3.87 61.97
CA GLY H 63 -54.80 -4.07 60.71
C GLY H 63 -55.87 -3.01 60.53
N GLN H 64 -55.87 -2.35 59.38
CA GLN H 64 -56.81 -1.27 59.12
C GLN H 64 -57.53 -1.49 57.80
N GLY H 65 -58.84 -1.68 57.87
CA GLY H 65 -59.65 -1.78 56.68
C GLY H 65 -60.87 -0.87 56.74
N SER H 66 -60.74 0.32 57.32
CA SER H 66 -61.88 1.16 57.62
C SER H 66 -61.82 2.47 56.84
N ASP H 67 -62.95 2.86 56.27
CA ASP H 67 -62.97 4.01 55.38
C ASP H 67 -62.94 5.30 56.19
N ASP H 68 -62.21 6.29 55.65
CA ASP H 68 -62.06 7.61 56.26
C ASP H 68 -61.70 7.52 57.74
N SER H 69 -60.74 6.65 58.07
CA SER H 69 -60.47 6.29 59.45
C SER H 69 -59.00 6.51 59.79
N SER H 70 -58.71 6.50 61.09
CA SER H 70 -57.35 6.69 61.55
C SER H 70 -57.07 5.81 62.77
N ILE H 71 -55.87 5.24 62.79
CA ILE H 71 -55.32 4.55 63.97
C ILE H 71 -54.00 5.22 64.32
N ASP H 72 -53.89 5.71 65.55
CA ASP H 72 -52.66 6.32 66.04
C ASP H 72 -52.16 5.50 67.21
N LEU H 73 -51.03 4.81 67.01
CA LEU H 73 -50.42 3.93 67.99
C LEU H 73 -49.07 4.51 68.38
N THR H 74 -48.91 4.86 69.66
CA THR H 74 -47.67 5.44 70.17
C THR H 74 -47.18 4.59 71.33
N GLN H 75 -45.99 4.01 71.18
CA GLN H 75 -45.39 3.19 72.22
C GLN H 75 -44.04 3.80 72.61
N ARG H 76 -43.91 4.18 73.87
CA ARG H 76 -42.68 4.77 74.40
C ARG H 76 -42.28 3.97 75.63
N GLY H 77 -41.15 3.28 75.54
CA GLY H 77 -40.68 2.45 76.63
C GLY H 77 -40.06 1.15 76.18
N PHE H 78 -40.32 0.07 76.92
CA PHE H 78 -39.69 -1.22 76.66
C PHE H 78 -40.73 -2.32 76.76
N GLY H 79 -40.76 -3.19 75.74
CA GLY H 79 -41.58 -4.39 75.79
C GLY H 79 -43.07 -4.17 75.73
N ASN H 80 -43.52 -3.03 75.22
CA ASN H 80 -44.94 -2.78 75.06
C ASN H 80 -45.48 -3.54 73.86
N SER H 81 -46.71 -4.04 73.98
CA SER H 81 -47.35 -4.84 72.95
C SER H 81 -48.74 -4.30 72.67
N ALA H 82 -49.09 -4.23 71.39
CA ALA H 82 -50.41 -3.76 70.98
C ALA H 82 -50.86 -4.53 69.74
N THR H 83 -52.12 -4.96 69.76
CA THR H 83 -52.78 -5.53 68.59
C THR H 83 -54.04 -4.74 68.32
N LEU H 84 -54.13 -4.13 67.13
CA LEU H 84 -55.20 -3.20 66.81
C LEU H 84 -55.85 -3.61 65.49
N ASP H 85 -57.17 -3.69 65.48
CA ASP H 85 -57.93 -4.07 64.30
C ASP H 85 -59.08 -3.09 64.09
N GLN H 86 -59.04 -2.35 62.99
CA GLN H 86 -60.12 -1.45 62.60
C GLN H 86 -60.62 -1.91 61.24
N TRP H 87 -61.78 -2.57 61.23
CA TRP H 87 -62.31 -3.18 60.02
C TRP H 87 -63.76 -2.74 59.79
N ASN H 88 -64.11 -2.52 58.53
CA ASN H 88 -65.47 -2.30 58.06
C ASN H 88 -66.10 -1.02 58.60
N GLY H 89 -65.36 -0.22 59.37
CA GLY H 89 -65.92 1.01 59.90
C GLY H 89 -65.71 2.19 58.96
N LYS H 90 -66.49 3.25 59.21
CA LYS H 90 -66.35 4.51 58.49
C LYS H 90 -66.24 5.64 59.49
N ASN H 91 -65.36 6.60 59.19
CA ASN H 91 -65.18 7.79 60.02
C ASN H 91 -64.86 7.41 61.47
N SER H 92 -63.90 6.50 61.63
CA SER H 92 -63.57 5.95 62.93
C SER H 92 -62.15 6.31 63.32
N GLU H 93 -61.94 6.64 64.60
CA GLU H 93 -60.63 7.06 65.10
C GLU H 93 -60.19 6.12 66.22
N MET H 94 -58.94 5.69 66.16
CA MET H 94 -58.42 4.69 67.10
C MET H 94 -57.09 5.23 67.66
N THR H 95 -57.05 5.43 68.98
CA THR H 95 -55.86 5.96 69.65
C THR H 95 -55.39 5.00 70.73
N VAL H 96 -54.13 4.62 70.68
CA VAL H 96 -53.48 3.87 71.76
C VAL H 96 -52.18 4.57 72.12
N LYS H 97 -52.04 4.93 73.40
CA LYS H 97 -50.81 5.52 73.91
C LYS H 97 -50.33 4.70 75.08
N GLN H 98 -49.20 4.02 74.92
CA GLN H 98 -48.66 3.14 75.95
C GLN H 98 -47.30 3.67 76.39
N PHE H 99 -47.21 4.08 77.65
CA PHE H 99 -46.01 4.67 78.22
C PHE H 99 -45.51 3.76 79.33
N GLY H 100 -44.24 3.39 79.28
CA GLY H 100 -43.65 2.56 80.31
C GLY H 100 -43.18 1.21 79.81
N GLY H 101 -43.36 0.16 80.62
CA GLY H 101 -42.83 -1.14 80.26
C GLY H 101 -43.82 -2.28 80.36
N GLY H 102 -43.84 -3.14 79.35
CA GLY H 102 -44.63 -4.35 79.40
C GLY H 102 -46.13 -4.14 79.32
N ASN H 103 -46.58 -3.03 78.74
CA ASN H 103 -48.00 -2.77 78.61
C ASN H 103 -48.59 -3.53 77.44
N GLY H 104 -49.78 -4.10 77.64
CA GLY H 104 -50.47 -4.81 76.58
C GLY H 104 -51.85 -4.29 76.30
N ALA H 105 -52.15 -4.00 75.04
CA ALA H 105 -53.45 -3.48 74.65
C ALA H 105 -53.99 -4.27 73.46
N ALA H 106 -55.25 -4.66 73.54
CA ALA H 106 -55.94 -5.35 72.45
C ALA H 106 -57.27 -4.65 72.19
N VAL H 107 -57.43 -4.10 70.99
CA VAL H 107 -58.60 -3.30 70.65
C VAL H 107 -59.12 -3.73 69.28
N ASP H 108 -60.40 -4.06 69.20
CA ASP H 108 -61.10 -4.29 67.94
C ASP H 108 -62.18 -3.24 67.78
N GLN H 109 -62.18 -2.57 66.63
CA GLN H 109 -63.11 -1.47 66.37
C GLN H 109 -63.76 -1.70 65.00
N THR H 110 -65.07 -1.91 65.00
CA THR H 110 -65.83 -2.06 63.77
C THR H 110 -66.89 -0.97 63.58
N ALA H 111 -67.30 -0.30 64.66
CA ALA H 111 -68.37 0.68 64.57
C ALA H 111 -67.95 1.87 63.72
N SER H 112 -68.92 2.44 63.01
CA SER H 112 -68.70 3.65 62.25
C SER H 112 -68.99 4.88 63.10
N ASN H 113 -68.30 5.98 62.78
CA ASN H 113 -68.43 7.24 63.51
C ASN H 113 -68.18 7.04 65.01
N SER H 114 -67.15 6.23 65.33
CA SER H 114 -66.83 5.90 66.71
C SER H 114 -65.36 6.16 66.99
N SER H 115 -65.06 6.39 68.27
CA SER H 115 -63.71 6.68 68.72
C SER H 115 -63.40 5.87 69.98
N VAL H 116 -62.26 5.17 69.97
CA VAL H 116 -61.80 4.40 71.11
C VAL H 116 -60.44 4.94 71.53
N ASN H 117 -60.28 5.24 72.81
CA ASN H 117 -59.06 5.81 73.35
C ASN H 117 -58.52 4.89 74.43
N VAL H 118 -57.30 4.41 74.25
CA VAL H 118 -56.62 3.57 75.25
C VAL H 118 -55.34 4.28 75.64
N THR H 119 -55.15 4.49 76.95
CA THR H 119 -53.95 5.13 77.46
C THR H 119 -53.43 4.30 78.64
N GLN H 120 -52.21 3.80 78.50
CA GLN H 120 -51.58 2.99 79.54
C GLN H 120 -50.29 3.65 79.99
N CYS H 121 -50.17 3.86 81.30
CA CYS H 121 -48.97 4.43 81.90
C CYS H 121 -48.51 3.52 83.04
N GLY H 122 -47.22 3.21 83.07
CA GLY H 122 -46.66 2.38 84.12
C GLY H 122 -46.12 1.07 83.61
N PHE H 123 -46.21 0.02 84.43
CA PHE H 123 -45.65 -1.29 84.12
C PHE H 123 -46.73 -2.36 84.21
N GLY H 124 -46.77 -3.23 83.20
CA GLY H 124 -47.62 -4.41 83.25
C GLY H 124 -49.10 -4.17 83.08
N ASN H 125 -49.49 -3.02 82.52
CA ASN H 125 -50.91 -2.75 82.32
C ASN H 125 -51.44 -3.57 81.14
N ASN H 126 -52.68 -4.04 81.28
CA ASN H 126 -53.35 -4.77 80.21
C ASN H 126 -54.70 -4.09 80.01
N ALA H 127 -55.01 -3.73 78.77
CA ALA H 127 -56.26 -3.07 78.45
C ALA H 127 -56.88 -3.71 77.22
N THR H 128 -58.16 -4.07 77.32
CA THR H 128 -58.89 -4.68 76.21
C THR H 128 -60.12 -3.83 75.92
N ALA H 129 -60.31 -3.46 74.66
CA ALA H 129 -61.43 -2.63 74.24
C ALA H 129 -62.07 -3.21 72.99
N HIS H 130 -63.39 -3.26 72.96
CA HIS H 130 -64.15 -3.65 71.79
C HIS H 130 -65.28 -2.65 71.54
N GLN H 131 -65.39 -2.17 70.31
CA GLN H 131 -66.46 -1.27 69.90
C GLN H 131 -67.05 -1.79 68.60
N TYR H 132 -68.34 -2.11 68.63
CA TYR H 132 -69.01 -2.67 67.45
C TYR H 132 -70.14 -1.76 66.97
#